data_4R34
#
_entry.id   4R34
#
_cell.length_a   94.150
_cell.length_b   47.070
_cell.length_c   113.920
_cell.angle_alpha   90.00
_cell.angle_beta   108.99
_cell.angle_gamma   90.00
#
_symmetry.space_group_name_H-M   'P 1 2 1'
#
loop_
_entity.id
_entity.type
_entity.pdbx_description
1 polymer NosL
2 non-polymer METHIONINE
3 non-polymer "5'-DEOXYADENOSINE"
4 non-polymer S-ADENOSYL-L-HOMOCYSTEINE
5 non-polymer 'IRON/SULFUR CLUSTER'
6 non-polymer TRYPTOPHAN
7 non-polymer GLYCEROL
8 non-polymer 'BROMIDE ION'
9 non-polymer 'SODIUM ION'
10 non-polymer 'ZINC ION'
11 water water
#
_entity_poly.entity_id   1
_entity_poly.type   'polypeptide(L)'
_entity_poly.pdbx_seq_one_letter_code
;MGSSHHHHHHSSGLVPRGSHMTQNSQAMTSHAMTGDFVLPELEDVRAEAATVDTRAVLALAEGEEPAESRAAVALALWED
RSIGTAELQAAAEARCGARRPRLHTFVPLYTTNYCDSECKMCSMRKGNHRLDRKFSGRKEITEQLEILYHHEGVRGVGFL
TGEYEDKHTRLASAFRIGWAIRTALDLGFERVYFNIGSMEQDEIDVLGEWIGREDPVTMCVFQESYDRETYRRFMGKTSV
GVPKADFDRRVVSFDRWLDAGYRYVNPGVLVGLHDDLSAELVSLVAHGDHLRSRGATADLSVPRMRPAMKSRDTTRVGDD
DYLRLMSVVAFTCPEQRLVLTTREPQEFQDVALGLAGVISPGSPDVAPYRAGCEARNDEKSSQFLVADLRRPRHILGRIE
ASGTPVDHFVNPAGEASRAV
;
_entity_poly.pdbx_strand_id   A,B
#
loop_
_chem_comp.id
_chem_comp.type
_chem_comp.name
_chem_comp.formula
5AD non-polymer 5'-DEOXYADENOSINE 'C10 H13 N5 O3'
BR non-polymer 'BROMIDE ION' 'Br -1'
GOL non-polymer GLYCEROL 'C3 H8 O3'
NA non-polymer 'SODIUM ION' 'Na 1'
SF4 non-polymer 'IRON/SULFUR CLUSTER' 'Fe4 S4'
ZN non-polymer 'ZINC ION' 'Zn 2'
#
# COMPACT_ATOMS: atom_id res chain seq x y z
N GLY A 35 44.03 18.30 4.25
CA GLY A 35 42.96 18.11 5.22
C GLY A 35 41.68 17.63 4.58
N ASP A 36 41.41 18.11 3.37
CA ASP A 36 40.23 17.68 2.62
C ASP A 36 40.45 16.29 2.05
N PHE A 37 39.35 15.66 1.65
CA PHE A 37 39.41 14.33 1.05
C PHE A 37 40.21 14.33 -0.25
N VAL A 38 41.13 13.37 -0.37
CA VAL A 38 41.86 13.18 -1.61
C VAL A 38 41.51 11.82 -2.22
N LEU A 39 41.12 11.82 -3.49
CA LEU A 39 40.83 10.58 -4.20
C LEU A 39 42.04 9.65 -4.17
N PRO A 40 41.82 8.39 -3.77
CA PRO A 40 42.92 7.42 -3.72
C PRO A 40 43.38 7.06 -5.13
N GLU A 41 44.65 6.71 -5.27
CA GLU A 41 45.15 6.23 -6.56
C GLU A 41 44.73 4.78 -6.75
N LEU A 42 43.91 4.53 -7.76
CA LEU A 42 43.36 3.20 -8.01
C LEU A 42 44.45 2.16 -8.25
N GLU A 43 45.55 2.58 -8.87
CA GLU A 43 46.68 1.69 -9.09
C GLU A 43 47.36 1.33 -7.77
N ASP A 44 47.41 2.28 -6.86
CA ASP A 44 48.03 2.05 -5.55
C ASP A 44 47.21 1.11 -4.68
N VAL A 45 45.89 1.23 -4.77
CA VAL A 45 44.98 0.37 -4.01
C VAL A 45 45.03 -1.06 -4.55
N ARG A 46 45.04 -1.18 -5.87
CA ARG A 46 45.11 -2.49 -6.53
CA ARG A 46 45.12 -2.49 -6.53
C ARG A 46 46.34 -3.27 -6.08
N ALA A 47 47.46 -2.56 -5.94
CA ALA A 47 48.71 -3.17 -5.51
C ALA A 47 48.62 -3.68 -4.08
N GLU A 48 47.94 -2.91 -3.23
CA GLU A 48 47.77 -3.30 -1.84
C GLU A 48 46.81 -4.47 -1.71
N ALA A 49 45.75 -4.45 -2.52
CA ALA A 49 44.73 -5.48 -2.49
C ALA A 49 45.29 -6.85 -2.85
N ALA A 50 46.36 -6.85 -3.65
CA ALA A 50 47.01 -8.09 -4.05
C ALA A 50 47.73 -8.76 -2.89
N THR A 51 47.90 -8.02 -1.80
CA THR A 51 48.67 -8.52 -0.65
C THR A 51 47.80 -8.99 0.52
N VAL A 52 46.49 -8.81 0.43
CA VAL A 52 45.64 -9.19 1.55
C VAL A 52 45.16 -10.64 1.44
N ASP A 53 45.09 -11.30 2.58
CA ASP A 53 44.59 -12.67 2.67
C ASP A 53 43.10 -12.62 2.94
N THR A 54 42.31 -12.75 1.87
CA THR A 54 40.86 -12.60 1.96
C THR A 54 40.21 -13.62 2.89
N ARG A 55 40.80 -14.82 2.97
CA ARG A 55 40.26 -15.84 3.86
C ARG A 55 40.54 -15.50 5.31
N ALA A 56 41.73 -14.96 5.58
CA ALA A 56 42.09 -14.52 6.92
C ALA A 56 41.20 -13.34 7.35
N VAL A 57 40.91 -12.47 6.39
CA VAL A 57 40.02 -11.33 6.64
C VAL A 57 38.65 -11.80 7.09
N LEU A 58 38.09 -12.77 6.37
CA LEU A 58 36.79 -13.33 6.72
C LEU A 58 36.81 -14.04 8.07
N ALA A 59 37.99 -14.51 8.47
CA ALA A 59 38.14 -15.23 9.73
C ALA A 59 38.26 -14.29 10.93
N LEU A 60 38.46 -13.00 10.65
CA LEU A 60 38.57 -11.99 11.69
C LEU A 60 37.34 -11.96 12.57
N ALA A 61 37.54 -11.79 13.87
CA ALA A 61 36.43 -11.65 14.81
C ALA A 61 35.74 -10.31 14.60
N GLU A 62 34.46 -10.24 14.96
CA GLU A 62 33.74 -8.97 14.89
C GLU A 62 34.38 -7.97 15.84
N GLY A 63 34.72 -6.79 15.31
CA GLY A 63 35.41 -5.78 16.09
C GLY A 63 36.90 -5.79 15.83
N GLU A 64 37.36 -6.76 15.05
CA GLU A 64 38.77 -6.82 14.65
C GLU A 64 38.97 -6.21 13.27
N GLU A 65 40.09 -5.50 13.10
CA GLU A 65 40.35 -4.75 11.87
C GLU A 65 41.53 -5.36 11.11
N PRO A 66 41.39 -5.47 9.77
CA PRO A 66 42.47 -5.99 8.92
C PRO A 66 43.72 -5.12 8.98
N ALA A 67 44.86 -5.70 8.65
CA ALA A 67 46.13 -4.98 8.69
C ALA A 67 46.24 -3.97 7.55
N GLU A 68 45.56 -4.26 6.44
CA GLU A 68 45.60 -3.40 5.26
C GLU A 68 44.48 -2.37 5.29
N SER A 69 44.55 -1.40 4.40
CA SER A 69 43.53 -0.34 4.34
C SER A 69 42.19 -0.91 3.92
N ARG A 70 41.12 -0.23 4.31
CA ARG A 70 39.77 -0.70 4.05
C ARG A 70 39.47 -0.77 2.55
N ALA A 71 39.94 0.23 1.80
CA ALA A 71 39.75 0.26 0.37
C ALA A 71 40.40 -0.95 -0.29
N ALA A 72 41.61 -1.29 0.14
CA ALA A 72 42.33 -2.43 -0.40
C ALA A 72 41.63 -3.75 -0.06
N VAL A 73 41.13 -3.86 1.16
CA VAL A 73 40.47 -5.08 1.60
C VAL A 73 39.16 -5.26 0.83
N ALA A 74 38.45 -4.16 0.64
CA ALA A 74 37.20 -4.19 -0.12
C ALA A 74 37.42 -4.63 -1.56
N LEU A 75 38.44 -4.06 -2.20
CA LEU A 75 38.78 -4.44 -3.57
C LEU A 75 39.16 -5.91 -3.68
N ALA A 76 39.91 -6.41 -2.70
CA ALA A 76 40.39 -7.79 -2.74
C ALA A 76 39.24 -8.78 -2.55
N LEU A 77 38.32 -8.46 -1.64
CA LEU A 77 37.16 -9.30 -1.42
C LEU A 77 36.30 -9.33 -2.69
N TRP A 78 36.14 -8.15 -3.28
CA TRP A 78 35.35 -8.00 -4.51
C TRP A 78 35.88 -8.85 -5.66
N GLU A 79 37.21 -8.87 -5.81
CA GLU A 79 37.82 -9.53 -6.96
C GLU A 79 38.10 -11.02 -6.74
N ASP A 80 38.03 -11.45 -5.48
CA ASP A 80 38.28 -12.85 -5.16
C ASP A 80 37.03 -13.69 -5.37
N ARG A 81 36.85 -14.17 -6.61
CA ARG A 81 35.64 -14.88 -6.98
C ARG A 81 35.54 -16.27 -6.36
N SER A 82 36.62 -16.74 -5.74
CA SER A 82 36.58 -18.01 -5.02
C SER A 82 35.71 -17.86 -3.77
N ILE A 83 35.41 -16.61 -3.41
CA ILE A 83 34.46 -16.32 -2.35
C ILE A 83 33.13 -15.94 -2.98
N GLY A 84 32.11 -16.78 -2.78
CA GLY A 84 30.79 -16.52 -3.33
C GLY A 84 30.12 -15.27 -2.77
N THR A 85 29.26 -14.67 -3.57
CA THR A 85 28.51 -13.49 -3.12
C THR A 85 27.65 -13.83 -1.92
N ALA A 86 26.97 -14.97 -1.97
CA ALA A 86 26.14 -15.44 -0.86
C ALA A 86 26.96 -15.58 0.42
N GLU A 87 28.17 -16.13 0.29
CA GLU A 87 29.06 -16.28 1.44
C GLU A 87 29.59 -14.93 1.92
N LEU A 88 29.84 -14.03 0.98
CA LEU A 88 30.26 -12.67 1.32
C LEU A 88 29.16 -11.92 2.08
N GLN A 89 27.93 -12.07 1.61
CA GLN A 89 26.79 -11.40 2.25
C GLN A 89 26.58 -11.91 3.68
N ALA A 90 26.67 -13.22 3.86
CA ALA A 90 26.53 -13.82 5.18
C ALA A 90 27.60 -13.29 6.13
N ALA A 91 28.83 -13.17 5.64
CA ALA A 91 29.92 -12.64 6.45
C ALA A 91 29.67 -11.19 6.83
N ALA A 92 29.15 -10.41 5.90
CA ALA A 92 28.84 -9.00 6.14
C ALA A 92 27.75 -8.85 7.19
N GLU A 93 26.67 -9.62 7.04
CA GLU A 93 25.55 -9.55 7.98
C GLU A 93 25.99 -9.98 9.38
N ALA A 94 26.92 -10.92 9.45
CA ALA A 94 27.45 -11.37 10.73
C ALA A 94 28.31 -10.28 11.35
N ARG A 95 29.21 -9.71 10.55
CA ARG A 95 30.14 -8.69 11.03
C ARG A 95 29.43 -7.43 11.51
N CYS A 96 28.27 -7.13 10.92
CA CYS A 96 27.50 -5.97 11.30
C CYS A 96 26.40 -6.32 12.30
N GLY A 97 26.40 -7.58 12.74
CA GLY A 97 25.33 -8.09 13.57
C GLY A 97 25.17 -7.45 14.94
N ALA A 98 26.27 -7.01 15.54
CA ALA A 98 26.24 -6.48 16.89
C ALA A 98 25.85 -5.00 16.94
N ARG A 99 25.69 -4.40 15.77
CA ARG A 99 25.36 -2.99 15.67
C ARG A 99 23.99 -2.69 16.28
N ARG A 100 23.92 -1.66 17.12
CA ARG A 100 22.66 -1.26 17.75
C ARG A 100 22.38 0.23 17.58
N PRO A 101 21.17 0.57 17.12
CA PRO A 101 20.11 -0.36 16.72
C PRO A 101 20.42 -1.05 15.40
N ARG A 102 19.79 -2.18 15.13
CA ARG A 102 19.99 -2.88 13.87
C ARG A 102 19.57 -2.02 12.68
N LEU A 103 18.43 -1.35 12.82
CA LEU A 103 17.88 -0.49 11.77
C LEU A 103 17.29 0.79 12.34
N HIS A 104 17.48 1.90 11.65
CA HIS A 104 16.61 3.05 11.86
C HIS A 104 16.11 3.53 10.51
N THR A 105 15.16 4.46 10.53
CA THR A 105 14.48 4.84 9.30
C THR A 105 14.34 6.33 9.14
N PHE A 106 14.25 6.77 7.88
CA PHE A 106 13.80 8.10 7.57
C PHE A 106 13.05 8.04 6.26
N VAL A 107 12.11 8.97 6.08
CA VAL A 107 11.31 9.03 4.89
C VAL A 107 11.66 10.33 4.17
N PRO A 108 11.90 10.24 2.85
CA PRO A 108 12.26 11.44 2.08
C PRO A 108 11.09 12.38 1.84
N LEU A 109 11.35 13.67 1.91
CA LEU A 109 10.37 14.67 1.51
C LEU A 109 11.01 15.64 0.54
N TYR A 110 10.69 15.49 -0.75
CA TYR A 110 11.14 16.44 -1.76
C TYR A 110 10.32 17.72 -1.61
N THR A 111 11.02 18.83 -1.33
CA THR A 111 10.37 20.10 -1.04
C THR A 111 10.12 20.93 -2.30
N THR A 112 10.68 20.46 -3.41
CA THR A 112 10.58 21.10 -4.71
C THR A 112 11.22 20.19 -5.73
N ASN A 113 10.83 20.33 -7.00
CA ASN A 113 11.52 19.60 -8.05
C ASN A 113 12.13 20.59 -9.05
N TYR A 114 12.37 21.82 -8.62
CA TYR A 114 13.13 22.76 -9.42
C TYR A 114 14.61 22.42 -9.30
N CYS A 115 15.34 22.58 -10.39
CA CYS A 115 16.78 22.41 -10.35
C CYS A 115 17.45 23.22 -11.46
N ASP A 116 18.66 23.70 -11.19
CA ASP A 116 19.43 24.46 -12.17
C ASP A 116 20.44 23.57 -12.91
N SER A 117 20.65 22.35 -12.42
CA SER A 117 21.66 21.48 -13.00
C SER A 117 21.09 20.59 -14.11
N GLU A 118 21.94 19.71 -14.67
CA GLU A 118 21.59 19.00 -15.89
C GLU A 118 21.95 17.53 -15.88
N CYS A 119 21.88 16.88 -14.72
CA CYS A 119 22.26 15.48 -14.60
C CYS A 119 21.43 14.61 -15.57
N LYS A 120 22.14 13.90 -16.44
CA LYS A 120 21.50 13.27 -17.58
C LYS A 120 20.64 12.06 -17.22
N MET A 121 20.81 11.53 -16.01
CA MET A 121 20.03 10.36 -15.61
C MET A 121 18.89 10.76 -14.68
N CYS A 122 18.65 12.05 -14.54
CA CYS A 122 17.64 12.53 -13.59
C CYS A 122 16.52 13.33 -14.26
N SER A 123 15.28 13.08 -13.86
CA SER A 123 14.13 13.76 -14.45
CA SER A 123 14.13 13.76 -14.46
C SER A 123 14.05 15.23 -14.06
N MET A 124 14.73 15.61 -12.99
CA MET A 124 14.67 17.00 -12.50
C MET A 124 15.65 17.95 -13.21
N ARG A 125 16.47 17.42 -14.12
CA ARG A 125 17.39 18.25 -14.88
C ARG A 125 16.67 19.45 -15.51
N LYS A 126 17.31 20.61 -15.46
CA LYS A 126 16.71 21.87 -15.91
C LYS A 126 16.15 21.78 -17.32
N GLY A 127 16.87 21.08 -18.19
CA GLY A 127 16.48 20.95 -19.60
C GLY A 127 15.26 20.09 -19.84
N ASN A 128 14.83 19.33 -18.84
CA ASN A 128 13.62 18.53 -18.99
C ASN A 128 12.37 19.41 -18.91
N HIS A 129 11.93 19.89 -20.06
CA HIS A 129 10.81 20.82 -20.12
C HIS A 129 9.47 20.12 -19.94
N ARG A 130 9.49 18.80 -19.88
CA ARG A 130 8.26 18.03 -19.71
C ARG A 130 7.82 17.91 -18.26
N LEU A 131 8.71 18.25 -17.33
CA LEU A 131 8.40 18.10 -15.91
C LEU A 131 7.46 19.20 -15.42
N ASP A 132 6.49 18.82 -14.60
CA ASP A 132 5.64 19.79 -13.92
C ASP A 132 6.31 20.27 -12.64
N ARG A 133 6.88 21.47 -12.70
CA ARG A 133 7.68 21.98 -11.59
C ARG A 133 6.81 22.41 -10.41
N LYS A 134 7.13 21.92 -9.22
CA LYS A 134 6.37 22.24 -8.02
C LYS A 134 7.26 22.78 -6.91
N PHE A 135 6.66 23.49 -5.97
CA PHE A 135 7.38 24.11 -4.85
C PHE A 135 6.50 24.07 -3.60
N SER A 136 7.03 23.53 -2.51
CA SER A 136 6.29 23.44 -1.25
C SER A 136 6.54 24.66 -0.35
N GLY A 137 5.46 25.32 0.03
CA GLY A 137 5.55 26.42 0.97
C GLY A 137 5.48 25.95 2.41
N ARG A 138 5.32 26.90 3.32
CA ARG A 138 5.25 26.64 4.75
C ARG A 138 4.15 25.63 5.09
N LYS A 139 2.95 25.90 4.60
CA LYS A 139 1.79 25.09 4.90
C LYS A 139 1.96 23.64 4.43
N GLU A 140 2.40 23.47 3.19
CA GLU A 140 2.55 22.14 2.60
C GLU A 140 3.64 21.33 3.28
N ILE A 141 4.80 21.94 3.53
CA ILE A 141 5.89 21.24 4.20
C ILE A 141 5.44 20.77 5.59
N THR A 142 4.78 21.65 6.32
CA THR A 142 4.28 21.31 7.65
C THR A 142 3.25 20.18 7.60
N GLU A 143 2.34 20.25 6.64
CA GLU A 143 1.30 19.24 6.50
C GLU A 143 1.90 17.87 6.19
N GLN A 144 2.92 17.86 5.34
CA GLN A 144 3.63 16.63 4.99
C GLN A 144 4.31 16.02 6.21
N LEU A 145 4.99 16.88 6.98
CA LEU A 145 5.66 16.43 8.20
C LEU A 145 4.67 15.81 9.17
N GLU A 146 3.50 16.45 9.30
CA GLU A 146 2.48 15.96 10.22
C GLU A 146 1.86 14.65 9.77
N ILE A 147 1.69 14.48 8.46
CA ILE A 147 1.22 13.20 7.93
C ILE A 147 2.25 12.10 8.24
N LEU A 148 3.52 12.39 7.97
CA LEU A 148 4.57 11.41 8.19
C LEU A 148 4.67 11.03 9.67
N TYR A 149 4.60 12.04 10.53
CA TYR A 149 4.72 11.83 11.97
C TYR A 149 3.54 11.02 12.53
N HIS A 150 2.33 11.43 12.19
CA HIS A 150 1.14 10.87 12.84
C HIS A 150 0.53 9.67 12.14
N HIS A 151 0.52 9.70 10.81
CA HIS A 151 -0.14 8.61 10.08
C HIS A 151 0.83 7.52 9.67
N GLU A 152 2.07 7.87 9.34
CA GLU A 152 3.07 6.87 9.02
C GLU A 152 3.85 6.46 10.25
N GLY A 153 3.84 7.31 11.27
CA GLY A 153 4.49 7.00 12.54
C GLY A 153 6.01 7.02 12.49
N VAL A 154 6.59 7.83 11.61
CA VAL A 154 8.05 7.88 11.50
C VAL A 154 8.62 9.08 12.25
N ARG A 155 9.87 8.95 12.66
CA ARG A 155 10.54 9.97 13.45
C ARG A 155 11.83 10.39 12.75
N GLY A 156 12.00 9.92 11.52
CA GLY A 156 13.11 10.33 10.69
C GLY A 156 12.60 10.88 9.38
N VAL A 157 13.16 12.01 8.93
CA VAL A 157 12.75 12.61 7.66
C VAL A 157 13.96 13.16 6.92
N GLY A 158 13.89 13.18 5.59
CA GLY A 158 14.93 13.78 4.78
C GLY A 158 14.35 14.86 3.88
N PHE A 159 15.04 15.99 3.80
CA PHE A 159 14.61 17.07 2.91
C PHE A 159 15.49 17.14 1.68
N LEU A 160 14.87 17.27 0.51
CA LEU A 160 15.61 17.32 -0.73
C LEU A 160 15.18 18.48 -1.62
N THR A 161 16.12 18.97 -2.41
CA THR A 161 15.86 20.00 -3.42
C THR A 161 16.70 19.67 -4.63
N GLY A 162 16.62 20.51 -5.66
CA GLY A 162 17.60 20.48 -6.74
C GLY A 162 18.83 21.22 -6.29
N GLU A 163 19.80 21.40 -7.19
CA GLU A 163 20.94 22.28 -6.89
C GLU A 163 20.89 23.49 -7.80
N TYR A 164 21.22 24.65 -7.25
CA TYR A 164 20.99 25.90 -7.97
C TYR A 164 22.31 26.60 -8.27
N GLU A 165 22.29 27.45 -9.29
CA GLU A 165 23.50 28.03 -9.83
C GLU A 165 23.95 29.30 -9.09
N ASP A 166 23.10 30.32 -9.05
CA ASP A 166 23.51 31.61 -8.53
C ASP A 166 23.54 31.62 -7.01
N LYS A 167 24.46 32.39 -6.45
CA LYS A 167 24.70 32.40 -5.00
C LYS A 167 23.44 32.74 -4.19
N HIS A 168 22.65 33.70 -4.66
CA HIS A 168 21.44 34.08 -3.93
C HIS A 168 20.44 32.94 -3.81
N THR A 169 20.22 32.23 -4.91
CA THR A 169 19.27 31.12 -4.89
C THR A 169 19.77 30.00 -3.99
N ARG A 170 21.08 29.78 -3.99
CA ARG A 170 21.67 28.75 -3.14
C ARG A 170 21.50 29.09 -1.65
N LEU A 171 21.71 30.35 -1.31
CA LEU A 171 21.54 30.79 0.07
C LEU A 171 20.07 30.74 0.49
N ALA A 172 19.18 31.13 -0.41
CA ALA A 172 17.74 31.12 -0.11
C ALA A 172 17.24 29.68 0.06
N SER A 173 17.79 28.75 -0.72
CA SER A 173 17.43 27.34 -0.59
C SER A 173 17.93 26.79 0.74
N ALA A 174 19.17 27.13 1.09
CA ALA A 174 19.74 26.76 2.38
C ALA A 174 18.91 27.29 3.54
N PHE A 175 18.39 28.51 3.39
CA PHE A 175 17.57 29.12 4.43
C PHE A 175 16.28 28.34 4.63
N ARG A 176 15.61 28.01 3.53
CA ARG A 176 14.32 27.33 3.58
C ARG A 176 14.45 25.93 4.15
N ILE A 177 15.50 25.23 3.72
CA ILE A 177 15.74 23.87 4.20
C ILE A 177 16.16 23.88 5.67
N GLY A 178 16.95 24.89 6.06
CA GLY A 178 17.28 25.10 7.45
C GLY A 178 16.02 25.27 8.29
N TRP A 179 15.09 26.06 7.80
CA TRP A 179 13.78 26.20 8.46
C TRP A 179 13.04 24.86 8.57
N ALA A 180 13.05 24.08 7.50
CA ALA A 180 12.35 22.79 7.48
C ALA A 180 12.96 21.85 8.52
N ILE A 181 14.28 21.80 8.58
CA ILE A 181 14.99 20.96 9.53
C ILE A 181 14.65 21.35 10.98
N ARG A 182 14.70 22.64 11.26
CA ARG A 182 14.33 23.15 12.58
C ARG A 182 12.88 22.81 12.92
N THR A 183 11.99 22.95 11.93
CA THR A 183 10.57 22.67 12.11
C THR A 183 10.33 21.18 12.39
N ALA A 184 11.05 20.32 11.68
CA ALA A 184 10.92 18.87 11.87
C ALA A 184 11.36 18.48 13.28
N LEU A 185 12.51 19.00 13.68
CA LEU A 185 13.05 18.72 15.01
C LEU A 185 12.09 19.18 16.11
N ASP A 186 11.51 20.37 15.94
CA ASP A 186 10.58 20.91 16.92
C ASP A 186 9.32 20.04 17.02
N LEU A 187 8.95 19.43 15.90
CA LEU A 187 7.78 18.54 15.84
C LEU A 187 8.01 17.22 16.55
N GLY A 188 9.27 16.86 16.76
CA GLY A 188 9.58 15.61 17.44
C GLY A 188 10.29 14.58 16.57
N PHE A 189 10.69 14.98 15.38
CA PHE A 189 11.52 14.10 14.56
C PHE A 189 12.87 13.94 15.24
N GLU A 190 13.38 12.71 15.29
CA GLU A 190 14.59 12.39 16.05
C GLU A 190 15.83 12.33 15.18
N ARG A 191 15.62 12.38 13.87
CA ARG A 191 16.71 12.31 12.90
C ARG A 191 16.30 13.00 11.61
N VAL A 192 17.13 13.92 11.13
CA VAL A 192 16.80 14.65 9.91
C VAL A 192 17.95 14.61 8.92
N TYR A 193 17.65 14.15 7.72
CA TYR A 193 18.62 14.17 6.63
C TYR A 193 18.32 15.35 5.71
N PHE A 194 19.35 15.86 5.06
CA PHE A 194 19.10 16.77 3.95
C PHE A 194 20.02 16.46 2.78
N ASN A 195 19.49 16.70 1.59
CA ASN A 195 20.16 16.39 0.34
C ASN A 195 19.82 17.52 -0.63
N ILE A 196 20.63 18.58 -0.62
CA ILE A 196 20.26 19.79 -1.35
C ILE A 196 21.39 20.28 -2.24
N GLY A 197 22.26 19.37 -2.64
CA GLY A 197 23.39 19.71 -3.50
C GLY A 197 24.66 20.01 -2.72
N SER A 198 25.73 20.31 -3.45
CA SER A 198 26.98 20.70 -2.83
C SER A 198 26.78 21.93 -1.96
N MET A 199 27.64 22.12 -0.97
CA MET A 199 27.50 23.30 -0.12
C MET A 199 28.83 23.97 0.17
N GLU A 200 28.85 25.29 0.01
CA GLU A 200 30.01 26.09 0.36
C GLU A 200 29.88 26.57 1.80
N GLN A 201 30.91 27.24 2.30
CA GLN A 201 30.96 27.60 3.70
C GLN A 201 29.85 28.57 4.12
N ASP A 202 29.53 29.53 3.27
CA ASP A 202 28.51 30.53 3.60
C ASP A 202 27.10 29.93 3.54
N GLU A 203 26.90 28.99 2.64
CA GLU A 203 25.62 28.30 2.51
C GLU A 203 25.37 27.42 3.73
N ILE A 204 26.43 26.80 4.24
CA ILE A 204 26.34 26.00 5.46
C ILE A 204 26.06 26.91 6.65
N ASP A 205 26.66 28.11 6.64
CA ASP A 205 26.41 29.09 7.68
C ASP A 205 24.93 29.43 7.79
N VAL A 206 24.30 29.66 6.64
CA VAL A 206 22.88 30.00 6.60
C VAL A 206 22.01 28.86 7.10
N LEU A 207 22.28 27.64 6.63
CA LEU A 207 21.53 26.47 7.11
C LEU A 207 21.78 26.26 8.59
N GLY A 208 23.04 26.42 9.01
CA GLY A 208 23.43 26.13 10.38
C GLY A 208 22.81 27.01 11.45
N GLU A 209 22.30 28.18 11.08
CA GLU A 209 21.70 29.08 12.05
C GLU A 209 20.36 28.55 12.56
N TRP A 210 19.89 27.48 11.93
CA TRP A 210 18.63 26.85 12.30
C TRP A 210 18.81 25.68 13.25
N ILE A 211 20.03 25.20 13.38
CA ILE A 211 20.30 24.00 14.18
C ILE A 211 21.49 24.19 15.11
N GLY A 212 21.69 23.22 16.00
CA GLY A 212 22.86 23.21 16.86
C GLY A 212 23.87 22.20 16.35
N ARG A 213 25.10 22.33 16.81
CA ARG A 213 26.19 21.47 16.35
C ARG A 213 25.98 20.00 16.71
N GLU A 214 25.18 19.74 17.74
CA GLU A 214 24.97 18.38 18.22
C GLU A 214 23.63 17.79 17.80
N ASP A 215 22.86 18.55 17.02
CA ASP A 215 21.57 18.09 16.52
C ASP A 215 21.72 16.89 15.58
N PRO A 216 20.74 15.98 15.61
CA PRO A 216 20.81 14.78 14.76
C PRO A 216 20.49 15.09 13.30
N VAL A 217 21.42 15.75 12.63
CA VAL A 217 21.20 16.20 11.25
C VAL A 217 22.33 15.70 10.36
N THR A 218 21.95 15.00 9.28
CA THR A 218 22.92 14.35 8.41
C THR A 218 22.97 15.04 7.05
N MET A 219 24.16 15.45 6.63
CA MET A 219 24.34 16.01 5.29
C MET A 219 24.50 14.89 4.27
N CYS A 220 23.66 14.90 3.24
CA CYS A 220 23.77 13.96 2.13
C CYS A 220 24.28 14.65 0.87
N VAL A 221 25.39 14.15 0.34
CA VAL A 221 25.94 14.61 -0.93
C VAL A 221 26.52 13.40 -1.67
N PHE A 222 25.72 12.75 -2.50
CA PHE A 222 26.18 11.57 -3.23
C PHE A 222 27.07 12.03 -4.38
N GLN A 223 28.32 11.56 -4.39
CA GLN A 223 29.24 11.95 -5.45
C GLN A 223 28.81 11.38 -6.81
N GLU A 224 27.89 10.41 -6.77
CA GLU A 224 27.38 9.67 -7.94
C GLU A 224 28.45 8.79 -8.58
N SER A 225 29.51 9.42 -9.09
CA SER A 225 30.67 8.68 -9.55
C SER A 225 31.93 9.41 -9.11
N TYR A 226 32.89 8.65 -8.61
CA TYR A 226 34.17 9.24 -8.21
C TYR A 226 35.14 9.27 -9.38
N ASP A 227 34.73 8.68 -10.49
CA ASP A 227 35.49 8.74 -11.74
C ASP A 227 35.17 10.06 -12.45
N ARG A 228 36.18 10.91 -12.60
CA ARG A 228 35.97 12.25 -13.14
C ARG A 228 35.38 12.27 -14.54
N GLU A 229 35.70 11.26 -15.35
CA GLU A 229 35.23 11.22 -16.73
C GLU A 229 33.76 10.84 -16.81
N THR A 230 33.39 9.75 -16.14
CA THR A 230 31.98 9.35 -16.06
C THR A 230 31.14 10.47 -15.44
N TYR A 231 31.67 11.08 -14.38
CA TYR A 231 31.02 12.22 -13.74
C TYR A 231 30.70 13.32 -14.74
N ARG A 232 31.68 13.71 -15.55
CA ARG A 232 31.49 14.75 -16.54
C ARG A 232 30.46 14.33 -17.59
N ARG A 233 30.46 13.05 -17.93
CA ARG A 233 29.51 12.54 -18.93
C ARG A 233 28.06 12.74 -18.51
N PHE A 234 27.79 12.56 -17.22
CA PHE A 234 26.42 12.64 -16.73
C PHE A 234 26.09 14.00 -16.08
N MET A 235 27.04 14.58 -15.35
CA MET A 235 26.76 15.84 -14.65
C MET A 235 27.14 17.06 -15.47
N GLY A 236 27.90 16.85 -16.55
CA GLY A 236 28.20 17.92 -17.47
C GLY A 236 29.56 18.59 -17.24
N LYS A 237 29.92 19.47 -18.16
CA LYS A 237 31.19 20.18 -18.09
C LYS A 237 31.05 21.46 -17.26
N THR A 238 32.17 21.91 -16.70
CA THR A 238 32.15 23.03 -15.77
C THR A 238 32.18 24.39 -16.47
N SER A 239 32.07 25.45 -15.68
CA SER A 239 32.16 26.84 -16.13
C SER A 239 31.08 27.25 -17.13
N VAL A 240 29.89 26.68 -17.01
CA VAL A 240 28.79 27.02 -17.92
C VAL A 240 27.43 27.10 -17.22
N GLY A 241 27.43 27.45 -15.94
CA GLY A 241 26.19 27.60 -15.20
C GLY A 241 25.50 26.29 -14.86
N VAL A 242 26.27 25.21 -14.81
CA VAL A 242 25.75 23.92 -14.34
C VAL A 242 26.45 23.58 -13.02
N PRO A 243 25.81 23.89 -11.89
CA PRO A 243 26.41 23.85 -10.54
C PRO A 243 27.02 22.51 -10.15
N LYS A 244 26.34 21.40 -10.45
CA LYS A 244 26.83 20.08 -10.02
C LYS A 244 28.02 19.61 -10.85
N ALA A 245 28.32 20.32 -11.94
CA ALA A 245 29.43 19.93 -12.81
C ALA A 245 30.77 20.08 -12.08
N ASP A 246 30.82 20.96 -11.10
CA ASP A 246 32.01 21.14 -10.29
C ASP A 246 32.20 19.95 -9.35
N PHE A 247 32.99 18.98 -9.82
CA PHE A 247 33.30 17.75 -9.08
C PHE A 247 33.89 18.08 -7.71
N ASP A 248 34.83 19.03 -7.69
CA ASP A 248 35.61 19.27 -6.49
C ASP A 248 34.83 19.98 -5.39
N ARG A 249 34.00 20.95 -5.76
CA ARG A 249 33.14 21.59 -4.78
C ARG A 249 32.23 20.57 -4.12
N ARG A 250 31.69 19.66 -4.93
CA ARG A 250 30.78 18.65 -4.43
C ARG A 250 31.46 17.70 -3.45
N VAL A 251 32.64 17.21 -3.81
CA VAL A 251 33.26 16.11 -3.06
C VAL A 251 33.83 16.58 -1.72
N VAL A 252 34.09 17.88 -1.57
CA VAL A 252 34.63 18.39 -0.31
C VAL A 252 33.56 19.07 0.53
N SER A 253 32.30 18.86 0.17
CA SER A 253 31.19 19.43 0.92
C SER A 253 31.13 18.87 2.34
N PHE A 254 31.47 17.59 2.49
CA PHE A 254 31.49 16.95 3.80
C PHE A 254 32.58 17.56 4.68
N ASP A 255 33.69 17.94 4.07
CA ASP A 255 34.79 18.53 4.82
C ASP A 255 34.43 19.93 5.33
N ARG A 256 33.64 20.67 4.56
CA ARG A 256 33.18 21.98 4.99
C ARG A 256 32.21 21.82 6.15
N TRP A 257 31.34 20.82 6.02
CA TRP A 257 30.38 20.45 7.06
C TRP A 257 31.11 20.14 8.37
N LEU A 258 32.11 19.29 8.30
CA LEU A 258 32.90 18.93 9.48
C LEU A 258 33.70 20.11 10.02
N ASP A 259 34.19 20.97 9.13
CA ASP A 259 34.92 22.17 9.55
C ASP A 259 34.03 23.08 10.40
N ALA A 260 32.74 23.10 10.07
CA ALA A 260 31.80 23.96 10.77
C ALA A 260 31.41 23.38 12.13
N GLY A 261 31.87 22.17 12.40
CA GLY A 261 31.68 21.56 13.71
C GLY A 261 30.60 20.49 13.77
N TYR A 262 30.07 20.10 12.62
CA TYR A 262 29.01 19.09 12.58
C TYR A 262 29.62 17.69 12.52
N ARG A 263 28.76 16.68 12.44
CA ARG A 263 29.20 15.30 12.68
C ARG A 263 28.70 14.28 11.66
N TYR A 264 27.42 14.34 11.30
CA TYR A 264 26.80 13.28 10.51
C TYR A 264 26.84 13.53 9.01
N VAL A 265 27.32 12.53 8.26
CA VAL A 265 27.49 12.66 6.82
C VAL A 265 27.02 11.41 6.07
N ASN A 266 26.76 11.57 4.78
CA ASN A 266 26.20 10.49 3.99
C ASN A 266 26.69 10.53 2.54
N PRO A 267 27.91 10.02 2.30
CA PRO A 267 28.41 9.90 0.92
C PRO A 267 27.67 8.83 0.14
N GLY A 268 27.73 8.90 -1.18
CA GLY A 268 27.04 7.91 -2.00
C GLY A 268 27.60 7.72 -3.40
N VAL A 269 27.30 6.56 -3.97
CA VAL A 269 27.60 6.26 -5.36
C VAL A 269 26.30 5.85 -6.04
N LEU A 270 26.05 6.39 -7.23
CA LEU A 270 24.91 5.97 -8.02
C LEU A 270 25.29 4.77 -8.89
N VAL A 271 24.85 3.59 -8.46
CA VAL A 271 25.20 2.35 -9.15
C VAL A 271 24.53 2.25 -10.51
N GLY A 272 25.33 2.30 -11.56
CA GLY A 272 24.81 2.24 -12.93
C GLY A 272 25.44 3.30 -13.83
N LEU A 273 26.12 4.26 -13.22
CA LEU A 273 26.79 5.30 -13.99
C LEU A 273 28.11 4.79 -14.54
N HIS A 274 29.03 4.48 -13.63
CA HIS A 274 30.35 3.99 -14.00
C HIS A 274 30.31 2.48 -14.19
N ASP A 275 30.95 1.99 -15.25
CA ASP A 275 30.91 0.56 -15.58
C ASP A 275 31.70 -0.30 -14.60
N ASP A 276 32.84 0.24 -14.13
CA ASP A 276 33.74 -0.50 -13.26
C ASP A 276 33.40 -0.27 -11.79
N LEU A 277 32.58 -1.16 -11.23
CA LEU A 277 32.13 -1.04 -9.85
C LEU A 277 33.27 -1.14 -8.84
N SER A 278 34.33 -1.87 -9.22
CA SER A 278 35.48 -2.03 -8.33
C SER A 278 36.14 -0.68 -8.07
N ALA A 279 36.14 0.18 -9.07
CA ALA A 279 36.69 1.53 -8.94
C ALA A 279 35.86 2.36 -7.97
N GLU A 280 34.54 2.27 -8.09
CA GLU A 280 33.64 3.06 -7.27
C GLU A 280 33.63 2.62 -5.82
N LEU A 281 33.76 1.31 -5.58
CA LEU A 281 33.74 0.82 -4.22
C LEU A 281 35.04 1.17 -3.50
N VAL A 282 36.14 1.19 -4.23
CA VAL A 282 37.41 1.62 -3.67
C VAL A 282 37.30 3.08 -3.22
N SER A 283 36.76 3.91 -4.10
CA SER A 283 36.61 5.33 -3.83
C SER A 283 35.65 5.62 -2.68
N LEU A 284 34.49 4.96 -2.68
CA LEU A 284 33.50 5.18 -1.64
C LEU A 284 34.01 4.74 -0.28
N VAL A 285 34.64 3.57 -0.23
CA VAL A 285 35.18 3.06 1.02
C VAL A 285 36.30 3.98 1.50
N ALA A 286 37.10 4.49 0.56
CA ALA A 286 38.16 5.43 0.90
C ALA A 286 37.58 6.73 1.42
N HIS A 287 36.46 7.15 0.86
CA HIS A 287 35.83 8.39 1.28
C HIS A 287 35.25 8.24 2.68
N GLY A 288 34.57 7.12 2.93
CA GLY A 288 34.04 6.84 4.24
C GLY A 288 35.15 6.76 5.28
N ASP A 289 36.28 6.18 4.86
CA ASP A 289 37.42 6.01 5.75
C ASP A 289 38.03 7.36 6.12
N HIS A 290 38.09 8.26 5.15
CA HIS A 290 38.56 9.62 5.40
C HIS A 290 37.67 10.32 6.40
N LEU A 291 36.37 10.24 6.18
CA LEU A 291 35.37 10.85 7.05
C LEU A 291 35.46 10.29 8.45
N ARG A 292 35.63 8.99 8.55
CA ARG A 292 35.79 8.33 9.85
C ARG A 292 37.01 8.87 10.59
N SER A 293 38.09 9.11 9.85
CA SER A 293 39.34 9.58 10.45
C SER A 293 39.17 10.98 11.01
N ARG A 294 38.22 11.74 10.47
CA ARG A 294 37.96 13.09 10.93
C ARG A 294 37.01 13.11 12.13
N GLY A 295 36.49 11.95 12.48
CA GLY A 295 35.62 11.82 13.64
C GLY A 295 34.15 11.86 13.27
N ALA A 296 33.87 11.73 11.99
CA ALA A 296 32.50 11.81 11.49
C ALA A 296 31.76 10.49 11.66
N THR A 297 30.45 10.59 11.79
CA THR A 297 29.57 9.44 11.71
C THR A 297 28.98 9.44 10.31
N ALA A 298 29.21 8.36 9.57
CA ALA A 298 28.81 8.31 8.17
C ALA A 298 27.87 7.16 7.84
N ASP A 299 26.79 7.46 7.11
CA ASP A 299 26.00 6.45 6.43
C ASP A 299 26.56 6.33 5.02
N LEU A 300 26.36 5.18 4.39
CA LEU A 300 26.83 4.99 3.03
C LEU A 300 25.66 4.62 2.13
N SER A 301 25.49 5.34 1.03
CA SER A 301 24.40 5.05 0.11
C SER A 301 24.89 4.56 -1.23
N VAL A 302 24.34 3.43 -1.68
CA VAL A 302 24.65 2.96 -3.02
C VAL A 302 23.36 2.72 -3.80
N PRO A 303 22.60 3.79 -4.05
CA PRO A 303 21.34 3.61 -4.78
C PRO A 303 21.56 3.12 -6.19
N ARG A 304 20.71 2.22 -6.64
CA ARG A 304 20.78 1.69 -7.99
C ARG A 304 19.80 2.46 -8.87
N MET A 305 20.19 2.65 -10.14
CA MET A 305 19.42 3.42 -11.10
C MET A 305 17.96 2.99 -11.23
N ARG A 306 17.08 3.98 -11.41
CA ARG A 306 15.65 3.76 -11.62
C ARG A 306 15.16 4.50 -12.87
N PRO A 307 14.02 4.05 -13.44
CA PRO A 307 13.48 4.73 -14.63
C PRO A 307 13.22 6.22 -14.42
N ALA A 308 13.63 7.02 -15.39
CA ALA A 308 13.48 8.48 -15.33
C ALA A 308 13.50 9.06 -16.74
N MET A 309 13.23 10.36 -16.84
CA MET A 309 13.30 11.02 -18.13
C MET A 309 14.75 11.39 -18.44
N LYS A 310 15.51 10.39 -18.88
CA LYS A 310 16.96 10.55 -19.03
C LYS A 310 17.32 11.15 -20.40
N SER A 311 18.50 11.75 -20.48
CA SER A 311 19.04 12.25 -21.74
C SER A 311 20.25 11.41 -22.14
N ARG A 312 20.57 10.44 -21.29
CA ARG A 312 21.62 9.48 -21.56
C ARG A 312 21.33 8.20 -20.77
N ASP A 313 21.35 7.05 -21.44
CA ASP A 313 21.06 5.80 -20.75
C ASP A 313 22.23 5.36 -19.88
N THR A 314 21.97 4.42 -18.98
CA THR A 314 22.94 4.01 -17.98
C THR A 314 23.13 2.49 -17.98
N THR A 315 24.00 2.01 -17.10
CA THR A 315 24.29 0.59 -17.01
C THR A 315 23.36 -0.11 -16.03
N ARG A 316 22.75 -1.20 -16.49
CA ARG A 316 21.95 -2.04 -15.61
C ARG A 316 22.86 -2.97 -14.85
N VAL A 317 22.87 -2.85 -13.52
CA VAL A 317 23.70 -3.70 -12.69
C VAL A 317 22.86 -4.80 -12.07
N GLY A 318 23.26 -6.05 -12.30
CA GLY A 318 22.52 -7.20 -11.83
C GLY A 318 22.50 -7.34 -10.33
N ASP A 319 21.53 -8.10 -9.82
CA ASP A 319 21.34 -8.27 -8.38
C ASP A 319 22.58 -8.86 -7.70
N ASP A 320 23.27 -9.77 -8.38
CA ASP A 320 24.41 -10.43 -7.76
C ASP A 320 25.57 -9.48 -7.57
N ASP A 321 25.94 -8.76 -8.63
CA ASP A 321 26.98 -7.75 -8.52
C ASP A 321 26.63 -6.72 -7.45
N TYR A 322 25.36 -6.34 -7.42
CA TYR A 322 24.90 -5.30 -6.51
C TYR A 322 24.95 -5.78 -5.05
N LEU A 323 24.53 -7.03 -4.82
CA LEU A 323 24.60 -7.60 -3.48
C LEU A 323 26.06 -7.79 -3.04
N ARG A 324 26.91 -8.13 -3.99
CA ARG A 324 28.34 -8.29 -3.70
C ARG A 324 28.95 -6.94 -3.35
N LEU A 325 28.51 -5.90 -4.06
CA LEU A 325 28.97 -4.54 -3.78
C LEU A 325 28.59 -4.13 -2.37
N MET A 326 27.30 -4.30 -2.05
CA MET A 326 26.80 -3.96 -0.72
C MET A 326 27.51 -4.76 0.36
N SER A 327 27.82 -6.02 0.06
CA SER A 327 28.47 -6.90 1.03
C SER A 327 29.88 -6.45 1.39
N VAL A 328 30.71 -6.17 0.39
CA VAL A 328 32.09 -5.78 0.66
C VAL A 328 32.17 -4.41 1.34
N VAL A 329 31.26 -3.50 0.97
CA VAL A 329 31.23 -2.19 1.60
C VAL A 329 30.76 -2.32 3.05
N ALA A 330 29.73 -3.10 3.28
CA ALA A 330 29.19 -3.31 4.62
C ALA A 330 30.19 -4.02 5.52
N PHE A 331 30.89 -5.00 4.97
CA PHE A 331 31.87 -5.77 5.72
C PHE A 331 33.06 -4.89 6.13
N THR A 332 33.62 -4.16 5.16
CA THR A 332 34.82 -3.38 5.40
C THR A 332 34.54 -2.12 6.21
N CYS A 333 33.28 -1.67 6.19
CA CYS A 333 32.90 -0.47 6.94
C CYS A 333 31.76 -0.77 7.91
N PRO A 334 32.03 -1.62 8.92
CA PRO A 334 30.98 -2.16 9.78
C PRO A 334 30.28 -1.13 10.65
N GLU A 335 30.90 0.02 10.88
CA GLU A 335 30.27 1.05 11.72
C GLU A 335 29.57 2.10 10.87
N GLN A 336 29.55 1.90 9.56
CA GLN A 336 28.93 2.86 8.65
C GLN A 336 27.74 2.21 7.94
N ARG A 337 26.55 2.61 8.34
CA ARG A 337 25.31 1.98 7.88
C ARG A 337 25.05 2.19 6.40
N LEU A 338 24.78 1.10 5.68
CA LEU A 338 24.27 1.19 4.33
C LEU A 338 22.82 1.64 4.39
N VAL A 339 22.42 2.42 3.39
CA VAL A 339 21.05 2.91 3.30
C VAL A 339 20.35 2.17 2.16
N LEU A 340 19.22 1.53 2.48
CA LEU A 340 18.43 0.81 1.49
C LEU A 340 17.09 1.53 1.31
N THR A 341 16.71 1.79 0.06
CA THR A 341 15.50 2.57 -0.21
C THR A 341 14.51 1.85 -1.10
N THR A 342 13.30 2.40 -1.20
CA THR A 342 12.25 1.79 -1.99
C THR A 342 12.42 2.05 -3.49
N ARG A 343 13.61 2.47 -3.90
CA ARG A 343 14.01 2.32 -5.30
C ARG A 343 13.89 0.84 -5.65
N GLU A 344 14.25 0.00 -4.68
CA GLU A 344 14.26 -1.44 -4.85
C GLU A 344 12.90 -2.07 -4.59
N PRO A 345 12.56 -3.10 -5.38
CA PRO A 345 11.32 -3.85 -5.17
C PRO A 345 11.32 -4.64 -3.87
N GLN A 346 10.13 -5.02 -3.43
CA GLN A 346 9.94 -5.77 -2.21
C GLN A 346 10.80 -7.04 -2.15
N GLU A 347 10.87 -7.77 -3.26
CA GLU A 347 11.61 -9.03 -3.32
CA GLU A 347 11.61 -9.03 -3.27
C GLU A 347 13.11 -8.81 -3.09
N PHE A 348 13.61 -7.66 -3.55
CA PHE A 348 15.03 -7.40 -3.36
C PHE A 348 15.32 -6.92 -1.94
N GLN A 349 14.44 -6.09 -1.38
CA GLN A 349 14.58 -5.66 0.00
C GLN A 349 14.70 -6.86 0.93
N ASP A 350 13.87 -7.87 0.67
CA ASP A 350 13.85 -9.08 1.50
C ASP A 350 15.22 -9.75 1.57
N VAL A 351 15.96 -9.70 0.47
CA VAL A 351 17.26 -10.36 0.38
CA VAL A 351 17.25 -10.39 0.45
C VAL A 351 18.39 -9.49 0.91
N ALA A 352 18.25 -8.18 0.72
CA ALA A 352 19.34 -7.26 1.03
C ALA A 352 19.21 -6.54 2.38
N LEU A 353 18.07 -6.65 3.04
CA LEU A 353 17.82 -5.86 4.25
C LEU A 353 18.84 -6.15 5.35
N GLY A 354 19.37 -7.37 5.35
CA GLY A 354 20.33 -7.78 6.35
C GLY A 354 21.66 -7.07 6.23
N LEU A 355 21.89 -6.41 5.09
CA LEU A 355 23.11 -5.66 4.86
C LEU A 355 22.99 -4.20 5.27
N ALA A 356 21.76 -3.76 5.48
CA ALA A 356 21.49 -2.34 5.70
C ALA A 356 21.48 -1.96 7.18
N GLY A 357 21.76 -0.68 7.45
CA GLY A 357 21.63 -0.13 8.78
C GLY A 357 20.55 0.93 8.80
N VAL A 358 20.14 1.37 7.62
CA VAL A 358 19.05 2.35 7.47
C VAL A 358 18.08 1.88 6.39
N ILE A 359 16.80 1.84 6.73
CA ILE A 359 15.77 1.51 5.75
C ILE A 359 14.96 2.77 5.48
N SER A 360 14.83 3.16 4.22
CA SER A 360 14.23 4.44 3.90
C SER A 360 13.18 4.35 2.80
N PRO A 361 11.92 4.12 3.20
CA PRO A 361 10.81 4.02 2.26
C PRO A 361 10.25 5.40 1.95
N GLY A 362 9.62 5.55 0.79
CA GLY A 362 9.06 6.85 0.43
C GLY A 362 8.98 7.05 -1.07
N SER A 363 8.69 8.28 -1.48
CA SER A 363 8.57 8.61 -2.89
C SER A 363 9.31 9.91 -3.22
N PRO A 364 9.94 9.97 -4.40
CA PRO A 364 10.68 11.15 -4.82
C PRO A 364 9.83 12.10 -5.63
N ASP A 365 8.56 12.25 -5.22
CA ASP A 365 7.66 13.23 -5.79
C ASP A 365 7.53 14.39 -4.78
N VAL A 366 7.03 15.53 -5.24
CA VAL A 366 6.92 16.68 -4.34
C VAL A 366 5.64 16.62 -3.51
N ALA A 367 5.82 16.66 -2.19
CA ALA A 367 4.70 16.55 -1.23
C ALA A 367 3.74 15.43 -1.59
N PRO A 368 4.25 14.18 -1.66
CA PRO A 368 3.48 13.08 -2.24
C PRO A 368 2.57 12.37 -1.24
N TYR A 369 2.71 12.67 0.05
CA TYR A 369 2.03 11.88 1.07
C TYR A 369 0.65 12.45 1.40
N ARG A 370 -0.22 11.55 1.86
CA ARG A 370 -1.59 11.90 2.17
C ARG A 370 -2.12 10.84 3.12
N ALA A 371 -2.83 11.27 4.16
CA ALA A 371 -3.32 10.35 5.18
C ALA A 371 -4.16 9.22 4.57
N GLY A 372 -3.78 7.98 4.87
CA GLY A 372 -4.55 6.83 4.44
C GLY A 372 -4.40 6.44 2.98
N CYS A 373 -3.60 7.20 2.24
CA CYS A 373 -3.39 6.92 0.82
C CYS A 373 -1.92 6.56 0.55
N GLU A 374 -1.66 5.81 -0.52
CA GLU A 374 -0.27 5.55 -0.91
CA GLU A 374 -0.28 5.55 -0.90
C GLU A 374 0.31 6.82 -1.50
N ALA A 375 1.62 7.00 -1.32
CA ALA A 375 2.29 8.19 -1.81
C ALA A 375 2.24 8.31 -3.34
N ARG A 376 2.16 9.54 -3.82
CA ARG A 376 2.21 9.78 -5.25
C ARG A 376 3.62 9.59 -5.80
N ASN A 377 3.70 9.01 -6.99
CA ASN A 377 4.95 8.91 -7.73
C ASN A 377 4.64 9.20 -9.20
N ASP A 378 4.11 10.39 -9.44
CA ASP A 378 3.69 10.81 -10.77
C ASP A 378 4.91 11.06 -11.65
N GLU A 379 4.94 10.43 -12.82
CA GLU A 379 6.04 10.61 -13.77
C GLU A 379 6.18 12.08 -14.19
N LYS A 380 5.08 12.82 -14.15
CA LYS A 380 5.07 14.23 -14.55
C LYS A 380 5.90 15.14 -13.63
N SER A 381 6.10 14.75 -12.37
CA SER A 381 6.75 15.64 -11.42
C SER A 381 7.81 14.98 -10.55
N SER A 382 7.98 13.66 -10.68
CA SER A 382 8.92 12.94 -9.82
C SER A 382 10.35 12.96 -10.36
N GLN A 383 11.33 12.80 -9.47
CA GLN A 383 12.72 12.69 -9.89
C GLN A 383 12.96 11.38 -10.64
N PHE A 384 12.33 10.31 -10.18
CA PHE A 384 12.37 9.03 -10.87
C PHE A 384 11.23 8.14 -10.38
N LEU A 385 11.11 6.95 -10.96
CA LEU A 385 10.05 6.02 -10.57
C LEU A 385 10.61 4.96 -9.63
N VAL A 386 10.01 4.83 -8.46
CA VAL A 386 10.44 3.81 -7.50
C VAL A 386 9.68 2.51 -7.71
N ALA A 387 10.21 1.42 -7.16
CA ALA A 387 9.63 0.09 -7.36
C ALA A 387 8.65 -0.30 -6.28
N ASP A 388 8.78 0.30 -5.09
CA ASP A 388 7.93 -0.06 -3.96
C ASP A 388 7.18 1.16 -3.43
N LEU A 389 5.87 1.21 -3.69
CA LEU A 389 5.08 2.37 -3.27
C LEU A 389 4.17 2.10 -2.07
N ARG A 390 4.34 0.97 -1.41
CA ARG A 390 3.59 0.67 -0.19
C ARG A 390 3.91 1.72 0.88
N ARG A 391 2.92 2.06 1.70
CA ARG A 391 3.09 3.03 2.79
CA ARG A 391 3.14 3.08 2.71
C ARG A 391 4.26 2.67 3.67
N PRO A 392 5.06 3.67 4.10
CA PRO A 392 6.18 3.44 5.02
C PRO A 392 5.77 2.63 6.25
N ARG A 393 4.61 2.89 6.81
CA ARG A 393 4.25 2.19 8.04
C ARG A 393 3.95 0.71 7.78
N HIS A 394 3.50 0.39 6.57
CA HIS A 394 3.29 -1.01 6.23
C HIS A 394 4.63 -1.72 6.08
N ILE A 395 5.49 -1.13 5.27
CA ILE A 395 6.81 -1.69 5.02
C ILE A 395 7.58 -1.87 6.34
N LEU A 396 7.57 -0.83 7.16
CA LEU A 396 8.31 -0.85 8.43
C LEU A 396 7.63 -1.77 9.44
N GLY A 397 6.30 -1.80 9.40
CA GLY A 397 5.55 -2.73 10.24
C GLY A 397 5.88 -4.19 9.92
N ARG A 398 5.99 -4.51 8.64
CA ARG A 398 6.27 -5.89 8.24
C ARG A 398 7.68 -6.31 8.64
N ILE A 399 8.61 -5.36 8.57
CA ILE A 399 9.98 -5.61 9.01
C ILE A 399 9.99 -5.92 10.51
N GLU A 400 9.26 -5.13 11.29
CA GLU A 400 9.21 -5.35 12.72
C GLU A 400 8.50 -6.66 13.05
N ALA A 401 7.42 -6.95 12.32
CA ALA A 401 6.69 -8.20 12.51
C ALA A 401 7.58 -9.40 12.21
N SER A 402 8.51 -9.23 11.28
CA SER A 402 9.40 -10.31 10.88
C SER A 402 10.51 -10.53 11.91
N GLY A 403 10.68 -9.60 12.83
CA GLY A 403 11.62 -9.79 13.93
C GLY A 403 12.71 -8.74 14.10
N THR A 404 12.70 -7.71 13.25
CA THR A 404 13.70 -6.66 13.35
C THR A 404 13.08 -5.31 13.73
N PRO A 405 13.37 -4.81 14.94
CA PRO A 405 12.87 -3.51 15.34
C PRO A 405 13.45 -2.39 14.49
N VAL A 406 12.65 -1.36 14.23
CA VAL A 406 13.14 -0.21 13.47
C VAL A 406 13.10 1.05 14.33
N ASP A 407 14.27 1.56 14.67
CA ASP A 407 14.34 2.77 15.46
C ASP A 407 13.81 3.95 14.64
N HIS A 408 13.25 4.94 15.34
CA HIS A 408 12.59 6.09 14.73
C HIS A 408 11.33 5.68 13.97
N PHE A 409 10.79 4.53 14.34
CA PHE A 409 9.48 4.12 13.85
C PHE A 409 8.60 3.75 15.03
N VAL A 410 7.44 4.40 15.12
CA VAL A 410 6.47 4.12 16.16
C VAL A 410 5.19 3.68 15.49
N ASN A 411 5.00 2.37 15.39
CA ASN A 411 3.84 1.81 14.71
C ASN A 411 2.55 2.34 15.32
N PRO A 412 1.78 3.11 14.53
CA PRO A 412 0.56 3.78 15.03
C PRO A 412 -0.56 2.79 15.38
N ALA A 413 -0.24 1.76 16.15
CA ALA A 413 -1.18 0.67 16.43
C ALA A 413 -1.56 0.59 17.90
N GLY A 414 -2.68 -0.05 18.18
CA GLY A 414 -3.14 -0.29 19.53
C GLY A 414 -3.35 0.99 20.34
N GLU A 415 -2.65 1.09 21.45
CA GLU A 415 -2.78 2.23 22.35
C GLU A 415 -1.96 3.43 21.88
N ALA A 416 -1.12 3.20 20.87
CA ALA A 416 -0.33 4.27 20.28
C ALA A 416 -1.03 4.83 19.04
N SER A 417 -2.29 4.46 18.86
CA SER A 417 -3.10 4.98 17.77
C SER A 417 -4.08 6.04 18.29
N ARG A 418 -4.49 6.95 17.42
CA ARG A 418 -5.41 8.01 17.80
C ARG A 418 -6.81 7.74 17.28
N SER B 30 -7.72 -8.64 16.56
CA SER B 30 -6.99 -7.47 16.09
C SER B 30 -7.73 -6.19 16.44
N HIS B 31 -7.07 -5.05 16.29
CA HIS B 31 -7.63 -3.78 16.73
C HIS B 31 -7.26 -2.58 15.86
N ALA B 32 -7.24 -1.40 16.49
CA ALA B 32 -7.26 -0.13 15.77
C ALA B 32 -5.89 0.43 15.42
N MET B 33 -5.89 1.27 14.39
CA MET B 33 -4.71 2.01 13.96
C MET B 33 -5.13 3.43 13.59
N THR B 34 -4.22 4.38 13.75
CA THR B 34 -4.48 5.76 13.34
C THR B 34 -4.95 5.78 11.88
N GLY B 35 -6.08 6.42 11.63
CA GLY B 35 -6.59 6.54 10.27
C GLY B 35 -7.57 5.44 9.87
N ASP B 36 -7.82 4.49 10.76
CA ASP B 36 -8.79 3.44 10.47
C ASP B 36 -10.21 4.00 10.53
N PHE B 37 -11.15 3.24 9.98
CA PHE B 37 -12.56 3.62 10.06
C PHE B 37 -13.01 3.77 11.51
N VAL B 38 -13.78 4.82 11.75
CA VAL B 38 -14.40 5.03 13.07
C VAL B 38 -15.89 5.15 12.88
N LEU B 39 -16.64 4.31 13.58
CA LEU B 39 -18.10 4.34 13.52
C LEU B 39 -18.60 5.73 13.91
N PRO B 40 -19.44 6.33 13.05
CA PRO B 40 -19.97 7.65 13.38
C PRO B 40 -20.95 7.59 14.56
N GLU B 41 -21.07 8.69 15.29
CA GLU B 41 -22.11 8.80 16.31
C GLU B 41 -23.40 9.20 15.65
N LEU B 42 -24.41 8.32 15.73
CA LEU B 42 -25.67 8.52 15.04
C LEU B 42 -26.36 9.83 15.45
N GLU B 43 -26.25 10.19 16.72
CA GLU B 43 -26.88 11.42 17.19
C GLU B 43 -26.21 12.65 16.59
N ASP B 44 -24.90 12.57 16.37
CA ASP B 44 -24.20 13.65 15.70
C ASP B 44 -24.59 13.72 14.22
N VAL B 45 -24.82 12.56 13.62
CA VAL B 45 -25.24 12.48 12.23
C VAL B 45 -26.67 13.00 12.06
N ARG B 46 -27.53 12.61 13.01
CA ARG B 46 -28.92 13.09 13.02
C ARG B 46 -28.95 14.61 13.07
N ALA B 47 -28.05 15.19 13.87
CA ALA B 47 -27.97 16.64 14.01
C ALA B 47 -27.58 17.29 12.69
N GLU B 48 -26.60 16.71 12.01
CA GLU B 48 -26.15 17.26 10.72
C GLU B 48 -27.23 17.09 9.66
N ALA B 49 -27.92 15.96 9.70
CA ALA B 49 -28.93 15.63 8.70
C ALA B 49 -30.08 16.62 8.74
N ALA B 50 -30.31 17.22 9.91
CA ALA B 50 -31.38 18.19 10.09
C ALA B 50 -31.09 19.49 9.32
N THR B 51 -29.82 19.71 8.99
CA THR B 51 -29.44 20.92 8.25
C THR B 51 -29.53 20.72 6.75
N VAL B 52 -29.69 19.47 6.33
CA VAL B 52 -29.71 19.14 4.91
C VAL B 52 -31.00 19.60 4.23
N ASP B 53 -30.84 20.36 3.15
CA ASP B 53 -31.94 20.69 2.25
C ASP B 53 -32.10 19.56 1.24
N THR B 54 -32.96 18.60 1.56
CA THR B 54 -33.09 17.39 0.75
C THR B 54 -33.50 17.68 -0.68
N ARG B 55 -34.38 18.65 -0.87
CA ARG B 55 -34.86 18.97 -2.20
C ARG B 55 -33.72 19.53 -3.06
N ALA B 56 -32.87 20.36 -2.44
CA ALA B 56 -31.71 20.91 -3.13
C ALA B 56 -30.71 19.81 -3.48
N VAL B 57 -30.56 18.84 -2.59
CA VAL B 57 -29.69 17.69 -2.82
C VAL B 57 -30.13 16.93 -4.06
N LEU B 58 -31.43 16.72 -4.20
CA LEU B 58 -31.98 16.03 -5.35
C LEU B 58 -31.79 16.83 -6.64
N ALA B 59 -31.62 18.14 -6.50
CA ALA B 59 -31.44 19.00 -7.66
C ALA B 59 -29.98 19.08 -8.09
N LEU B 60 -29.10 18.42 -7.35
CA LEU B 60 -27.68 18.39 -7.70
C LEU B 60 -27.45 17.65 -9.01
N ALA B 61 -26.59 18.20 -9.85
CA ALA B 61 -26.24 17.57 -11.12
C ALA B 61 -25.33 16.38 -10.87
N GLU B 62 -25.12 15.57 -11.90
CA GLU B 62 -24.24 14.43 -11.77
C GLU B 62 -22.81 14.92 -11.53
N GLY B 63 -22.13 14.30 -10.57
CA GLY B 63 -20.77 14.65 -10.27
C GLY B 63 -20.60 15.52 -9.05
N GLU B 64 -21.43 16.55 -8.93
CA GLU B 64 -21.30 17.49 -7.81
C GLU B 64 -21.80 16.90 -6.48
N GLU B 65 -21.20 17.38 -5.40
CA GLU B 65 -21.38 16.80 -4.07
C GLU B 65 -22.15 17.75 -3.16
N PRO B 66 -23.03 17.20 -2.30
CA PRO B 66 -23.72 18.02 -1.31
C PRO B 66 -22.76 18.70 -0.34
N ALA B 67 -23.24 19.66 0.42
CA ALA B 67 -22.41 20.39 1.37
C ALA B 67 -22.12 19.56 2.62
N GLU B 68 -23.09 18.73 3.02
CA GLU B 68 -22.97 17.95 4.24
C GLU B 68 -22.29 16.61 3.96
N SER B 69 -22.00 15.86 5.03
CA SER B 69 -21.40 14.54 4.88
C SER B 69 -22.36 13.58 4.19
N ARG B 70 -21.82 12.61 3.46
CA ARG B 70 -22.63 11.64 2.76
C ARG B 70 -23.59 10.91 3.70
N ALA B 71 -23.09 10.52 4.86
CA ALA B 71 -23.91 9.81 5.84
C ALA B 71 -25.10 10.67 6.28
N ALA B 72 -24.86 11.96 6.50
CA ALA B 72 -25.92 12.87 6.92
C ALA B 72 -26.96 13.09 5.82
N VAL B 73 -26.49 13.23 4.58
CA VAL B 73 -27.40 13.41 3.45
C VAL B 73 -28.25 12.16 3.27
N ALA B 74 -27.63 11.00 3.45
CA ALA B 74 -28.33 9.73 3.28
C ALA B 74 -29.43 9.59 4.31
N LEU B 75 -29.11 9.94 5.55
CA LEU B 75 -30.10 9.89 6.63
C LEU B 75 -31.23 10.87 6.32
N ALA B 76 -30.90 12.07 5.86
CA ALA B 76 -31.91 13.09 5.56
C ALA B 76 -32.88 12.65 4.48
N LEU B 77 -32.36 12.07 3.40
CA LEU B 77 -33.21 11.56 2.32
C LEU B 77 -34.08 10.41 2.81
N TRP B 78 -33.46 9.48 3.54
CA TRP B 78 -34.18 8.32 4.07
C TRP B 78 -35.35 8.71 4.96
N GLU B 79 -35.14 9.72 5.80
CA GLU B 79 -36.17 10.09 6.77
CA GLU B 79 -36.13 10.15 6.80
C GLU B 79 -37.20 11.09 6.24
N ASP B 80 -36.88 11.77 5.13
CA ASP B 80 -37.81 12.74 4.56
C ASP B 80 -38.90 12.00 3.78
N ARG B 81 -40.00 11.68 4.46
CA ARG B 81 -41.05 10.91 3.81
CA ARG B 81 -41.07 10.91 3.84
C ARG B 81 -41.94 11.78 2.93
N SER B 82 -41.62 13.07 2.83
CA SER B 82 -42.30 13.92 1.85
C SER B 82 -41.68 13.62 0.49
N ILE B 83 -40.56 12.90 0.50
CA ILE B 83 -39.93 12.44 -0.73
C ILE B 83 -40.20 10.95 -0.91
N GLY B 84 -40.95 10.62 -1.94
CA GLY B 84 -41.36 9.24 -2.19
C GLY B 84 -40.21 8.33 -2.58
N THR B 85 -40.37 7.05 -2.30
CA THR B 85 -39.36 6.04 -2.61
C THR B 85 -39.16 5.94 -4.13
N ALA B 86 -40.24 6.11 -4.87
CA ALA B 86 -40.17 6.05 -6.33
C ALA B 86 -39.39 7.25 -6.88
N GLU B 87 -39.56 8.38 -6.21
CA GLU B 87 -38.82 9.60 -6.53
C GLU B 87 -37.32 9.41 -6.27
N LEU B 88 -36.99 8.80 -5.14
CA LEU B 88 -35.61 8.52 -4.78
C LEU B 88 -34.96 7.53 -5.75
N GLN B 89 -35.70 6.48 -6.11
CA GLN B 89 -35.20 5.48 -7.06
C GLN B 89 -34.89 6.09 -8.42
N ALA B 90 -35.80 6.93 -8.92
CA ALA B 90 -35.60 7.60 -10.19
C ALA B 90 -34.34 8.47 -10.14
N ALA B 91 -34.18 9.19 -9.04
CA ALA B 91 -33.04 10.08 -8.87
C ALA B 91 -31.73 9.30 -8.82
N ALA B 92 -31.75 8.16 -8.14
CA ALA B 92 -30.55 7.34 -8.01
C ALA B 92 -30.20 6.65 -9.33
N GLU B 93 -31.21 6.14 -10.02
CA GLU B 93 -30.98 5.48 -11.30
C GLU B 93 -30.41 6.46 -12.32
N ALA B 94 -30.88 7.70 -12.28
CA ALA B 94 -30.37 8.74 -13.16
C ALA B 94 -28.93 9.09 -12.79
N ARG B 95 -28.70 9.32 -11.50
CA ARG B 95 -27.41 9.79 -11.00
C ARG B 95 -26.30 8.75 -11.19
N CYS B 96 -26.69 7.49 -11.32
N CYS B 96 -26.65 7.48 -11.25
CA CYS B 96 -25.74 6.40 -11.55
CA CYS B 96 -25.65 6.43 -11.45
C CYS B 96 -25.79 5.89 -12.99
C CYS B 96 -25.94 5.64 -12.72
N GLY B 97 -26.78 6.34 -13.75
N GLY B 97 -26.55 6.30 -13.70
CA GLY B 97 -26.98 5.83 -15.10
CA GLY B 97 -26.83 5.69 -14.98
C GLY B 97 -25.88 6.15 -16.10
C GLY B 97 -25.82 6.07 -16.04
N ALA B 98 -25.01 7.10 -15.75
CA ALA B 98 -23.95 7.53 -16.65
C ALA B 98 -22.69 6.69 -16.43
N ARG B 99 -22.74 5.83 -15.42
CA ARG B 99 -21.60 5.02 -15.03
C ARG B 99 -21.24 3.99 -16.11
N ARG B 100 -19.95 3.83 -16.39
CA ARG B 100 -19.50 2.86 -17.39
C ARG B 100 -18.42 1.94 -16.83
N PRO B 101 -18.59 0.62 -17.00
CA PRO B 101 -19.75 0.00 -17.63
C PRO B 101 -20.99 0.11 -16.72
N ARG B 102 -22.18 0.01 -17.28
CA ARG B 102 -23.38 0.07 -16.45
C ARG B 102 -23.45 -1.12 -15.49
N LEU B 103 -23.04 -2.30 -15.95
CA LEU B 103 -23.03 -3.51 -15.13
C LEU B 103 -21.83 -4.40 -15.40
N HIS B 104 -21.27 -4.98 -14.35
CA HIS B 104 -20.40 -6.13 -14.54
C HIS B 104 -20.87 -7.23 -13.59
N THR B 105 -20.34 -8.44 -13.77
CA THR B 105 -20.88 -9.61 -13.10
C THR B 105 -19.80 -10.45 -12.45
N PHE B 106 -20.14 -11.11 -11.35
CA PHE B 106 -19.33 -12.21 -10.86
C PHE B 106 -20.26 -13.28 -10.29
N VAL B 107 -19.79 -14.51 -10.31
CA VAL B 107 -20.56 -15.64 -9.81
C VAL B 107 -19.85 -16.20 -8.59
N PRO B 108 -20.60 -16.45 -7.50
CA PRO B 108 -19.96 -16.98 -6.29
C PRO B 108 -19.58 -18.44 -6.38
N LEU B 109 -18.41 -18.78 -5.85
CA LEU B 109 -18.04 -20.17 -5.69
C LEU B 109 -17.67 -20.39 -4.24
N TYR B 110 -18.57 -21.03 -3.50
CA TYR B 110 -18.28 -21.45 -2.14
C TYR B 110 -17.33 -22.63 -2.21
N THR B 111 -16.14 -22.47 -1.64
CA THR B 111 -15.09 -23.48 -1.77
C THR B 111 -15.14 -24.51 -0.64
N THR B 112 -15.95 -24.22 0.38
CA THR B 112 -16.19 -25.12 1.49
C THR B 112 -17.38 -24.57 2.27
N ASN B 113 -18.00 -25.40 3.10
CA ASN B 113 -19.01 -24.89 4.02
C ASN B 113 -18.68 -25.21 5.47
N TYR B 114 -17.42 -25.55 5.72
CA TYR B 114 -16.89 -25.66 7.09
C TYR B 114 -16.77 -24.25 7.66
N CYS B 115 -17.14 -24.07 8.92
CA CYS B 115 -16.95 -22.79 9.59
C CYS B 115 -16.74 -22.99 11.07
N ASP B 116 -15.92 -22.13 11.68
CA ASP B 116 -15.68 -22.19 13.12
C ASP B 116 -16.58 -21.23 13.89
N SER B 117 -17.25 -20.32 13.19
CA SER B 117 -18.07 -19.33 13.88
C SER B 117 -19.52 -19.79 14.04
N GLU B 118 -20.35 -18.95 14.65
CA GLU B 118 -21.68 -19.37 15.07
C GLU B 118 -22.79 -18.38 14.73
N CYS B 119 -22.73 -17.76 13.56
CA CYS B 119 -23.73 -16.76 13.19
C CYS B 119 -25.11 -17.39 13.14
N LYS B 120 -26.03 -16.86 13.94
CA LYS B 120 -27.31 -17.50 14.19
C LYS B 120 -28.27 -17.42 12.99
N MET B 121 -27.93 -16.63 11.98
CA MET B 121 -28.80 -16.54 10.81
C MET B 121 -28.29 -17.39 9.65
N CYS B 122 -27.18 -18.10 9.88
CA CYS B 122 -26.46 -18.79 8.82
C CYS B 122 -26.44 -20.31 8.98
N SER B 123 -26.69 -21.04 7.90
CA SER B 123 -26.69 -22.50 7.98
C SER B 123 -25.31 -23.12 8.21
N MET B 124 -24.25 -22.36 7.94
CA MET B 124 -22.90 -22.92 8.02
C MET B 124 -22.33 -22.81 9.44
N ARG B 125 -23.07 -22.17 10.32
CA ARG B 125 -22.65 -22.02 11.71
C ARG B 125 -22.19 -23.36 12.29
N LYS B 126 -21.14 -23.32 13.09
CA LYS B 126 -20.48 -24.53 13.56
C LYS B 126 -21.45 -25.47 14.28
N GLY B 127 -22.39 -24.90 15.03
CA GLY B 127 -23.33 -25.69 15.80
C GLY B 127 -24.42 -26.39 15.01
N ASN B 128 -24.56 -26.07 13.73
CA ASN B 128 -25.57 -26.72 12.90
C ASN B 128 -25.09 -28.11 12.45
N HIS B 129 -25.37 -29.13 13.24
CA HIS B 129 -24.86 -30.46 12.99
C HIS B 129 -25.64 -31.19 11.90
N ARG B 130 -26.68 -30.54 11.39
CA ARG B 130 -27.47 -31.12 10.32
C ARG B 130 -26.84 -30.89 8.95
N LEU B 131 -25.92 -29.93 8.87
CA LEU B 131 -25.29 -29.61 7.59
C LEU B 131 -24.30 -30.69 7.17
N ASP B 132 -24.36 -31.07 5.90
CA ASP B 132 -23.36 -31.96 5.33
CA ASP B 132 -23.36 -31.95 5.31
C ASP B 132 -22.17 -31.12 4.89
N ARG B 133 -21.05 -31.28 5.59
CA ARG B 133 -19.90 -30.41 5.35
C ARG B 133 -19.07 -30.91 4.15
N LYS B 134 -18.63 -29.96 3.34
CA LYS B 134 -17.92 -30.24 2.09
C LYS B 134 -16.68 -29.34 1.96
N PHE B 135 -15.73 -29.80 1.17
CA PHE B 135 -14.45 -29.11 0.96
C PHE B 135 -13.99 -29.37 -0.46
N SER B 136 -13.68 -28.31 -1.19
CA SER B 136 -13.27 -28.44 -2.58
C SER B 136 -11.76 -28.37 -2.72
N GLY B 137 -11.19 -29.40 -3.30
CA GLY B 137 -9.76 -29.43 -3.55
C GLY B 137 -9.40 -28.78 -4.86
N ARG B 138 -8.13 -28.94 -5.24
CA ARG B 138 -7.59 -28.42 -6.49
C ARG B 138 -8.45 -28.79 -7.69
N LYS B 139 -8.80 -30.07 -7.77
CA LYS B 139 -9.55 -30.60 -8.92
C LYS B 139 -10.94 -29.99 -9.01
N GLU B 140 -11.66 -29.94 -7.89
CA GLU B 140 -13.03 -29.44 -7.90
C GLU B 140 -13.11 -27.94 -8.16
N ILE B 141 -12.25 -27.15 -7.51
CA ILE B 141 -12.24 -25.72 -7.75
C ILE B 141 -11.96 -25.43 -9.21
N THR B 142 -10.99 -26.14 -9.79
CA THR B 142 -10.63 -25.93 -11.18
C THR B 142 -11.77 -26.32 -12.12
N GLU B 143 -12.41 -27.45 -11.84
CA GLU B 143 -13.56 -27.92 -12.61
C GLU B 143 -14.69 -26.89 -12.60
N GLN B 144 -14.99 -26.35 -11.42
CA GLN B 144 -16.03 -25.35 -11.28
C GLN B 144 -15.71 -24.06 -12.03
N LEU B 145 -14.45 -23.64 -11.96
CA LEU B 145 -14.03 -22.44 -12.68
C LEU B 145 -14.18 -22.64 -14.19
N GLU B 146 -13.81 -23.82 -14.66
CA GLU B 146 -13.94 -24.15 -16.08
C GLU B 146 -15.40 -24.15 -16.52
N ILE B 147 -16.27 -24.64 -15.66
CA ILE B 147 -17.70 -24.67 -15.97
C ILE B 147 -18.25 -23.24 -16.02
N LEU B 148 -17.87 -22.41 -15.05
CA LEU B 148 -18.28 -21.02 -15.05
C LEU B 148 -17.75 -20.30 -16.28
N TYR B 149 -16.50 -20.54 -16.63
CA TYR B 149 -15.86 -19.85 -17.76
C TYR B 149 -16.55 -20.21 -19.07
N HIS B 150 -16.69 -21.50 -19.33
CA HIS B 150 -17.11 -21.98 -20.65
C HIS B 150 -18.61 -22.18 -20.81
N HIS B 151 -19.27 -22.69 -19.77
CA HIS B 151 -20.68 -23.03 -19.89
C HIS B 151 -21.61 -21.93 -19.41
N GLU B 152 -21.13 -21.06 -18.52
CA GLU B 152 -21.94 -19.91 -18.11
C GLU B 152 -21.42 -18.63 -18.76
N GLY B 153 -20.19 -18.68 -19.26
CA GLY B 153 -19.60 -17.56 -19.96
C GLY B 153 -19.22 -16.37 -19.11
N VAL B 154 -18.99 -16.59 -17.81
CA VAL B 154 -18.64 -15.46 -16.95
C VAL B 154 -17.12 -15.30 -16.80
N ARG B 155 -16.71 -14.08 -16.52
CA ARG B 155 -15.30 -13.76 -16.36
C ARG B 155 -15.10 -13.09 -15.00
N GLY B 156 -16.13 -13.20 -14.16
CA GLY B 156 -16.07 -12.73 -12.79
C GLY B 156 -16.42 -13.88 -11.86
N VAL B 157 -15.59 -14.09 -10.82
CA VAL B 157 -15.84 -15.16 -9.85
C VAL B 157 -15.55 -14.67 -8.45
N GLY B 158 -16.28 -15.20 -7.47
CA GLY B 158 -16.02 -14.89 -6.08
C GLY B 158 -15.75 -16.18 -5.32
N PHE B 159 -14.75 -16.16 -4.44
CA PHE B 159 -14.47 -17.33 -3.61
C PHE B 159 -14.90 -17.09 -2.17
N LEU B 160 -15.58 -18.06 -1.58
CA LEU B 160 -16.04 -17.93 -0.20
C LEU B 160 -15.67 -19.14 0.67
N THR B 161 -15.46 -18.86 1.96
CA THR B 161 -15.18 -19.89 2.97
C THR B 161 -15.93 -19.51 4.24
N GLY B 162 -15.74 -20.33 5.29
CA GLY B 162 -16.18 -19.96 6.62
C GLY B 162 -15.13 -19.03 7.20
N GLU B 163 -15.30 -18.64 8.46
CA GLU B 163 -14.23 -17.97 9.17
C GLU B 163 -13.73 -18.93 10.26
N TYR B 164 -12.40 -19.01 10.40
CA TYR B 164 -11.83 -20.01 11.29
C TYR B 164 -11.18 -19.38 12.51
N GLU B 165 -11.05 -20.16 13.57
CA GLU B 165 -10.62 -19.64 14.86
C GLU B 165 -9.11 -19.64 15.07
N ASP B 166 -8.45 -20.79 14.94
CA ASP B 166 -7.02 -20.84 15.24
CA ASP B 166 -7.02 -20.90 15.21
C ASP B 166 -6.20 -20.27 14.09
N LYS B 167 -5.08 -19.64 14.46
CA LYS B 167 -4.22 -18.92 13.53
C LYS B 167 -3.75 -19.79 12.36
N HIS B 168 -3.32 -21.02 12.63
CA HIS B 168 -2.81 -21.87 11.56
C HIS B 168 -3.89 -22.15 10.51
N THR B 169 -5.11 -22.44 10.97
CA THR B 169 -6.22 -22.68 10.05
C THR B 169 -6.52 -21.44 9.21
N ARG B 170 -6.52 -20.28 9.85
CA ARG B 170 -6.76 -19.02 9.15
C ARG B 170 -5.69 -18.79 8.08
N LEU B 171 -4.44 -19.11 8.39
CA LEU B 171 -3.37 -18.94 7.42
C LEU B 171 -3.51 -19.96 6.29
N ALA B 172 -3.88 -21.18 6.63
CA ALA B 172 -4.03 -22.26 5.66
C ALA B 172 -5.17 -21.94 4.72
N SER B 173 -6.25 -21.36 5.24
CA SER B 173 -7.38 -20.96 4.42
CA SER B 173 -7.38 -20.96 4.40
C SER B 173 -6.98 -19.85 3.44
N ALA B 174 -6.33 -18.81 3.97
CA ALA B 174 -5.81 -17.71 3.16
C ALA B 174 -4.92 -18.20 2.03
N PHE B 175 -4.07 -19.20 2.32
CA PHE B 175 -3.20 -19.80 1.32
C PHE B 175 -3.99 -20.41 0.18
N ARG B 176 -4.97 -21.23 0.54
CA ARG B 176 -5.80 -21.93 -0.45
C ARG B 176 -6.61 -20.95 -1.31
N ILE B 177 -7.15 -19.92 -0.68
CA ILE B 177 -7.95 -18.94 -1.43
C ILE B 177 -7.03 -18.10 -2.32
N GLY B 178 -5.82 -17.81 -1.84
CA GLY B 178 -4.84 -17.12 -2.65
C GLY B 178 -4.56 -17.92 -3.90
N TRP B 179 -4.37 -19.23 -3.73
CA TRP B 179 -4.15 -20.11 -4.88
C TRP B 179 -5.32 -20.03 -5.86
N ALA B 180 -6.54 -20.06 -5.32
CA ALA B 180 -7.76 -20.00 -6.14
C ALA B 180 -7.85 -18.71 -6.94
N ILE B 181 -7.55 -17.59 -6.30
CA ILE B 181 -7.57 -16.30 -6.97
C ILE B 181 -6.54 -16.28 -8.10
N ARG B 182 -5.33 -16.75 -7.81
CA ARG B 182 -4.28 -16.78 -8.81
C ARG B 182 -4.72 -17.65 -9.99
N THR B 183 -5.38 -18.77 -9.69
CA THR B 183 -5.79 -19.73 -10.69
C THR B 183 -6.88 -19.16 -11.60
N ALA B 184 -7.85 -18.48 -11.01
CA ALA B 184 -8.90 -17.83 -11.78
C ALA B 184 -8.34 -16.76 -12.72
N LEU B 185 -7.48 -15.90 -12.20
CA LEU B 185 -6.85 -14.87 -13.02
C LEU B 185 -6.10 -15.47 -14.21
N ASP B 186 -5.30 -16.50 -13.96
CA ASP B 186 -4.54 -17.17 -15.02
C ASP B 186 -5.45 -17.86 -16.04
N LEU B 187 -6.63 -18.30 -15.60
CA LEU B 187 -7.61 -18.89 -16.50
C LEU B 187 -8.30 -17.85 -17.37
N GLY B 188 -8.11 -16.57 -17.03
CA GLY B 188 -8.72 -15.51 -17.81
C GLY B 188 -9.90 -14.81 -17.15
N PHE B 189 -10.11 -15.05 -15.86
CA PHE B 189 -11.11 -14.28 -15.13
C PHE B 189 -10.60 -12.87 -14.96
N GLU B 190 -11.46 -11.88 -15.26
CA GLU B 190 -11.07 -10.48 -15.29
C GLU B 190 -11.35 -9.76 -13.98
N ARG B 191 -12.09 -10.43 -13.10
CA ARG B 191 -12.43 -9.88 -11.79
C ARG B 191 -12.60 -11.03 -10.79
N VAL B 192 -11.99 -10.89 -9.63
CA VAL B 192 -12.14 -11.91 -8.60
C VAL B 192 -12.51 -11.28 -7.26
N TYR B 193 -13.57 -11.79 -6.66
CA TYR B 193 -13.94 -11.40 -5.31
C TYR B 193 -13.53 -12.50 -4.33
N PHE B 194 -13.24 -12.13 -3.09
CA PHE B 194 -13.13 -13.16 -2.07
C PHE B 194 -13.82 -12.71 -0.79
N ASN B 195 -14.43 -13.67 -0.11
CA ASN B 195 -15.21 -13.40 1.09
C ASN B 195 -14.94 -14.51 2.08
N ILE B 196 -13.93 -14.33 2.91
CA ILE B 196 -13.38 -15.43 3.68
C ILE B 196 -13.20 -15.09 5.16
N GLY B 197 -13.91 -14.06 5.60
CA GLY B 197 -13.87 -13.65 7.00
C GLY B 197 -12.98 -12.43 7.21
N SER B 198 -12.90 -11.99 8.46
CA SER B 198 -11.96 -10.94 8.86
C SER B 198 -10.53 -11.37 8.54
N MET B 199 -9.66 -10.40 8.30
CA MET B 199 -8.26 -10.70 8.02
C MET B 199 -7.32 -9.79 8.77
N GLU B 200 -6.33 -10.40 9.43
CA GLU B 200 -5.26 -9.69 10.08
C GLU B 200 -4.13 -9.56 9.06
N GLN B 201 -3.14 -8.73 9.38
CA GLN B 201 -2.14 -8.37 8.39
C GLN B 201 -1.31 -9.58 7.90
N ASP B 202 -1.01 -10.51 8.81
CA ASP B 202 -0.21 -11.68 8.44
C ASP B 202 -1.01 -12.65 7.57
N GLU B 203 -2.34 -12.63 7.70
CA GLU B 203 -3.19 -13.43 6.83
C GLU B 203 -3.28 -12.81 5.44
N ILE B 204 -3.24 -11.49 5.37
CA ILE B 204 -3.25 -10.76 4.10
C ILE B 204 -1.91 -10.97 3.41
N ASP B 205 -0.85 -11.03 4.20
CA ASP B 205 0.48 -11.39 3.70
C ASP B 205 0.40 -12.70 2.90
N VAL B 206 -0.20 -13.72 3.49
CA VAL B 206 -0.28 -15.04 2.86
C VAL B 206 -1.12 -15.04 1.59
N LEU B 207 -2.31 -14.45 1.66
CA LEU B 207 -3.14 -14.37 0.47
C LEU B 207 -2.43 -13.55 -0.58
N GLY B 208 -1.81 -12.46 -0.13
CA GLY B 208 -1.21 -11.47 -1.01
C GLY B 208 -0.05 -11.96 -1.87
N GLU B 209 0.63 -13.00 -1.42
CA GLU B 209 1.77 -13.55 -2.17
C GLU B 209 1.33 -14.24 -3.46
N TRP B 210 0.02 -14.38 -3.65
CA TRP B 210 -0.54 -15.00 -4.84
C TRP B 210 -0.95 -14.02 -5.92
N ILE B 211 -0.95 -12.73 -5.59
CA ILE B 211 -1.44 -11.71 -6.51
C ILE B 211 -0.52 -10.48 -6.55
N GLY B 212 -0.74 -9.62 -7.53
CA GLY B 212 -0.08 -8.32 -7.57
C GLY B 212 -0.99 -7.26 -6.99
N ARG B 213 -0.42 -6.13 -6.59
CA ARG B 213 -1.20 -5.10 -5.93
C ARG B 213 -2.20 -4.43 -6.89
N GLU B 214 -1.98 -4.58 -8.18
CA GLU B 214 -2.89 -4.00 -9.17
C GLU B 214 -3.85 -5.03 -9.77
N ASP B 215 -3.80 -6.27 -9.29
CA ASP B 215 -4.71 -7.29 -9.79
C ASP B 215 -6.17 -6.95 -9.44
N PRO B 216 -7.10 -7.34 -10.31
CA PRO B 216 -8.52 -6.99 -10.11
C PRO B 216 -9.16 -7.86 -9.03
N VAL B 217 -8.73 -7.69 -7.78
CA VAL B 217 -9.18 -8.55 -6.70
C VAL B 217 -9.86 -7.72 -5.61
N THR B 218 -11.09 -8.10 -5.26
CA THR B 218 -11.91 -7.35 -4.31
C THR B 218 -12.12 -8.10 -3.00
N MET B 219 -11.73 -7.49 -1.88
CA MET B 219 -11.97 -8.07 -0.57
C MET B 219 -13.41 -7.77 -0.12
N CYS B 220 -14.15 -8.81 0.24
CA CYS B 220 -15.50 -8.64 0.78
C CYS B 220 -15.51 -9.00 2.26
N VAL B 221 -15.95 -8.06 3.08
CA VAL B 221 -16.17 -8.31 4.51
C VAL B 221 -17.43 -7.55 4.94
N PHE B 222 -18.58 -8.21 4.92
CA PHE B 222 -19.83 -7.54 5.29
C PHE B 222 -19.93 -7.45 6.81
N GLN B 223 -20.08 -6.25 7.34
CA GLN B 223 -20.12 -6.08 8.80
C GLN B 223 -21.39 -6.71 9.37
N GLU B 224 -22.36 -6.99 8.49
CA GLU B 224 -23.67 -7.56 8.82
C GLU B 224 -24.56 -6.54 9.54
N SER B 225 -24.14 -6.13 10.72
CA SER B 225 -24.76 -4.99 11.38
C SER B 225 -23.67 -4.13 11.98
N TYR B 226 -23.82 -2.82 11.87
CA TYR B 226 -22.84 -1.93 12.49
C TYR B 226 -23.28 -1.55 13.89
N ASP B 227 -24.40 -2.13 14.33
CA ASP B 227 -24.84 -1.97 15.71
C ASP B 227 -24.22 -3.08 16.55
N ARG B 228 -23.45 -2.70 17.56
CA ARG B 228 -22.69 -3.67 18.35
C ARG B 228 -23.60 -4.63 19.12
N GLU B 229 -24.79 -4.20 19.48
CA GLU B 229 -25.69 -5.05 20.26
C GLU B 229 -26.37 -6.08 19.36
N THR B 230 -26.87 -5.65 18.21
CA THR B 230 -27.44 -6.57 17.24
C THR B 230 -26.36 -7.54 16.73
N TYR B 231 -25.16 -7.01 16.51
CA TYR B 231 -24.03 -7.83 16.08
C TYR B 231 -23.78 -8.94 17.08
N ARG B 232 -23.66 -8.56 18.35
CA ARG B 232 -23.41 -9.50 19.44
C ARG B 232 -24.50 -10.58 19.49
N ARG B 233 -25.73 -10.18 19.25
CA ARG B 233 -26.86 -11.09 19.31
C ARG B 233 -26.80 -12.19 18.27
N PHE B 234 -26.28 -11.86 17.08
CA PHE B 234 -26.26 -12.84 15.99
C PHE B 234 -24.90 -13.52 15.84
N MET B 235 -23.82 -12.78 16.05
CA MET B 235 -22.47 -13.30 15.81
C MET B 235 -21.82 -13.88 17.07
N GLY B 236 -22.41 -13.63 18.23
CA GLY B 236 -21.95 -14.23 19.47
C GLY B 236 -21.10 -13.28 20.32
N LYS B 237 -20.68 -13.75 21.48
CA LYS B 237 -19.83 -12.96 22.35
C LYS B 237 -18.36 -13.31 22.11
N THR B 238 -17.47 -12.42 22.51
CA THR B 238 -16.05 -12.57 22.21
C THR B 238 -15.34 -13.41 23.26
N SER B 239 -14.08 -13.74 22.98
CA SER B 239 -13.20 -14.47 23.91
C SER B 239 -13.70 -15.86 24.27
N VAL B 240 -14.43 -16.50 23.36
CA VAL B 240 -14.92 -17.85 23.59
C VAL B 240 -14.74 -18.76 22.36
N GLY B 241 -13.76 -18.43 21.52
CA GLY B 241 -13.45 -19.26 20.36
C GLY B 241 -14.36 -19.09 19.17
N VAL B 242 -15.13 -18.01 19.16
CA VAL B 242 -15.97 -17.65 18.02
C VAL B 242 -15.36 -16.45 17.30
N PRO B 243 -14.65 -16.71 16.19
CA PRO B 243 -13.82 -15.68 15.52
C PRO B 243 -14.59 -14.45 15.02
N LYS B 244 -15.81 -14.62 14.51
CA LYS B 244 -16.53 -13.48 13.94
C LYS B 244 -17.12 -12.60 15.06
N ALA B 245 -17.08 -13.08 16.30
CA ALA B 245 -17.62 -12.28 17.41
C ALA B 245 -16.83 -11.00 17.63
N ASP B 246 -15.58 -10.97 17.18
CA ASP B 246 -14.76 -9.76 17.31
C ASP B 246 -15.14 -8.72 16.25
N PHE B 247 -16.02 -7.81 16.64
CA PHE B 247 -16.53 -6.74 15.80
C PHE B 247 -15.42 -5.88 15.21
N ASP B 248 -14.44 -5.54 16.05
CA ASP B 248 -13.40 -4.58 15.67
C ASP B 248 -12.38 -5.16 14.69
N ARG B 249 -11.99 -6.42 14.91
CA ARG B 249 -11.11 -7.07 13.94
C ARG B 249 -11.77 -7.09 12.56
N ARG B 250 -13.06 -7.38 12.55
CA ARG B 250 -13.81 -7.45 11.31
C ARG B 250 -13.86 -6.10 10.60
N VAL B 251 -14.21 -5.05 11.34
CA VAL B 251 -14.54 -3.79 10.71
C VAL B 251 -13.31 -3.04 10.17
N VAL B 252 -12.11 -3.39 10.63
CA VAL B 252 -10.91 -2.72 10.11
C VAL B 252 -10.15 -3.58 9.09
N SER B 253 -10.75 -4.71 8.72
CA SER B 253 -10.15 -5.57 7.71
C SER B 253 -9.82 -4.82 6.43
N PHE B 254 -10.75 -4.00 5.94
CA PHE B 254 -10.50 -3.20 4.73
C PHE B 254 -9.30 -2.27 4.90
N ASP B 255 -9.15 -1.71 6.10
CA ASP B 255 -8.03 -0.81 6.36
C ASP B 255 -6.69 -1.56 6.33
N ARG B 256 -6.69 -2.82 6.76
CA ARG B 256 -5.46 -3.63 6.69
C ARG B 256 -5.13 -3.96 5.23
N TRP B 257 -6.18 -4.25 4.46
CA TRP B 257 -6.08 -4.52 3.03
C TRP B 257 -5.50 -3.32 2.27
N LEU B 258 -6.02 -2.13 2.58
CA LEU B 258 -5.52 -0.90 1.95
C LEU B 258 -4.11 -0.54 2.41
N ASP B 259 -3.79 -0.85 3.66
CA ASP B 259 -2.43 -0.62 4.17
C ASP B 259 -1.42 -1.44 3.36
N ALA B 260 -1.83 -2.62 2.93
CA ALA B 260 -0.92 -3.52 2.20
C ALA B 260 -0.77 -3.09 0.75
N GLY B 261 -1.56 -2.10 0.32
CA GLY B 261 -1.40 -1.52 -1.00
C GLY B 261 -2.41 -2.00 -2.02
N TYR B 262 -3.46 -2.65 -1.57
CA TYR B 262 -4.52 -3.11 -2.46
C TYR B 262 -5.55 -1.98 -2.63
N ARG B 263 -6.60 -2.22 -3.39
CA ARG B 263 -7.47 -1.13 -3.84
CA ARG B 263 -7.47 -1.13 -3.84
C ARG B 263 -8.97 -1.42 -3.73
N TYR B 264 -9.38 -2.63 -4.13
CA TYR B 264 -10.80 -2.95 -4.24
C TYR B 264 -11.36 -3.58 -2.97
N VAL B 265 -12.49 -3.03 -2.52
CA VAL B 265 -13.15 -3.46 -1.29
C VAL B 265 -14.68 -3.52 -1.45
N ASN B 266 -15.34 -4.18 -0.52
CA ASN B 266 -16.77 -4.41 -0.62
C ASN B 266 -17.40 -4.60 0.75
N PRO B 267 -17.71 -3.47 1.43
CA PRO B 267 -18.49 -3.51 2.68
C PRO B 267 -19.94 -3.89 2.44
N GLY B 268 -20.64 -4.23 3.52
CA GLY B 268 -21.98 -4.73 3.41
C GLY B 268 -22.76 -4.79 4.70
N VAL B 269 -24.08 -4.66 4.58
CA VAL B 269 -24.99 -4.83 5.71
C VAL B 269 -25.95 -5.99 5.39
N LEU B 270 -26.21 -6.85 6.37
CA LEU B 270 -27.23 -7.87 6.18
C LEU B 270 -28.60 -7.32 6.58
N VAL B 271 -29.43 -7.04 5.59
CA VAL B 271 -30.71 -6.39 5.84
C VAL B 271 -31.73 -7.39 6.40
N GLY B 272 -32.13 -7.16 7.64
CA GLY B 272 -32.98 -8.10 8.35
C GLY B 272 -32.47 -8.45 9.74
N LEU B 273 -31.23 -8.12 10.04
CA LEU B 273 -30.72 -8.30 11.40
C LEU B 273 -31.18 -7.16 12.30
N HIS B 274 -30.68 -5.96 12.04
CA HIS B 274 -31.00 -4.80 12.86
C HIS B 274 -32.32 -4.19 12.38
N ASP B 275 -33.22 -3.86 13.30
CA ASP B 275 -34.56 -3.39 12.92
CA ASP B 275 -34.55 -3.41 12.88
C ASP B 275 -34.59 -1.91 12.57
N ASP B 276 -33.50 -1.20 12.84
CA ASP B 276 -33.43 0.23 12.53
C ASP B 276 -32.51 0.47 11.34
N LEU B 277 -33.10 0.53 10.15
CA LEU B 277 -32.32 0.63 8.92
C LEU B 277 -31.61 1.99 8.77
N SER B 278 -32.17 3.03 9.39
CA SER B 278 -31.56 4.36 9.30
C SER B 278 -30.17 4.33 9.93
N ALA B 279 -30.01 3.56 10.99
CA ALA B 279 -28.73 3.42 11.66
C ALA B 279 -27.72 2.68 10.79
N GLU B 280 -28.16 1.58 10.18
CA GLU B 280 -27.31 0.79 9.29
C GLU B 280 -26.92 1.59 8.05
N LEU B 281 -27.87 2.32 7.49
CA LEU B 281 -27.62 3.12 6.30
C LEU B 281 -26.52 4.15 6.57
N VAL B 282 -26.63 4.85 7.70
CA VAL B 282 -25.65 5.85 8.12
C VAL B 282 -24.26 5.22 8.26
N SER B 283 -24.19 4.09 8.95
CA SER B 283 -22.91 3.42 9.16
C SER B 283 -22.26 2.91 7.88
N LEU B 284 -23.06 2.33 7.00
CA LEU B 284 -22.53 1.78 5.75
C LEU B 284 -22.03 2.89 4.82
N VAL B 285 -22.82 3.95 4.67
CA VAL B 285 -22.44 5.08 3.84
C VAL B 285 -21.20 5.76 4.43
N ALA B 286 -21.13 5.85 5.75
CA ALA B 286 -19.96 6.42 6.40
C ALA B 286 -18.73 5.57 6.14
N HIS B 287 -18.91 4.25 6.14
CA HIS B 287 -17.79 3.34 5.88
C HIS B 287 -17.34 3.48 4.43
N GLY B 288 -18.31 3.52 3.51
CA GLY B 288 -18.00 3.72 2.11
C GLY B 288 -17.26 5.02 1.87
N ASP B 289 -17.65 6.05 2.61
CA ASP B 289 -17.07 7.37 2.44
C ASP B 289 -15.63 7.39 2.94
N HIS B 290 -15.39 6.71 4.06
CA HIS B 290 -14.05 6.55 4.61
C HIS B 290 -13.14 5.83 3.62
N LEU B 291 -13.65 4.75 3.03
CA LEU B 291 -12.87 3.96 2.08
C LEU B 291 -12.54 4.77 0.83
N ARG B 292 -13.52 5.57 0.39
CA ARG B 292 -13.33 6.49 -0.73
C ARG B 292 -12.19 7.46 -0.44
N SER B 293 -12.15 8.00 0.78
CA SER B 293 -11.13 8.97 1.16
C SER B 293 -9.73 8.36 1.20
N ARG B 294 -9.66 7.05 1.32
CA ARG B 294 -8.38 6.35 1.31
C ARG B 294 -7.97 5.97 -0.11
N GLY B 295 -8.79 6.33 -1.09
CA GLY B 295 -8.47 6.06 -2.48
C GLY B 295 -8.95 4.70 -2.96
N ALA B 296 -9.78 4.03 -2.17
CA ALA B 296 -10.26 2.70 -2.53
C ALA B 296 -11.40 2.76 -3.53
N THR B 297 -11.57 1.67 -4.26
CA THR B 297 -12.74 1.45 -5.08
C THR B 297 -13.62 0.47 -4.35
N ALA B 298 -14.83 0.89 -4.02
CA ALA B 298 -15.71 0.09 -3.17
C ALA B 298 -17.02 -0.26 -3.87
N ASP B 299 -17.42 -1.52 -3.75
CA ASP B 299 -18.78 -1.92 -4.04
C ASP B 299 -19.53 -1.92 -2.71
N LEU B 300 -20.85 -1.76 -2.75
CA LEU B 300 -21.66 -1.78 -1.54
C LEU B 300 -22.70 -2.88 -1.64
N SER B 301 -22.82 -3.69 -0.59
CA SER B 301 -23.76 -4.80 -0.59
C SER B 301 -24.79 -4.69 0.51
N VAL B 302 -26.06 -4.71 0.15
CA VAL B 302 -27.12 -4.78 1.17
C VAL B 302 -28.01 -6.02 0.98
N PRO B 303 -27.42 -7.22 1.09
CA PRO B 303 -28.22 -8.44 0.88
C PRO B 303 -29.33 -8.58 1.90
N ARG B 304 -30.45 -9.13 1.47
CA ARG B 304 -31.58 -9.38 2.35
C ARG B 304 -31.59 -10.83 2.80
N MET B 305 -32.13 -11.06 3.99
CA MET B 305 -32.18 -12.39 4.59
CA MET B 305 -32.16 -12.40 4.57
C MET B 305 -32.89 -13.39 3.69
N ARG B 306 -32.36 -14.61 3.64
CA ARG B 306 -32.99 -15.72 2.94
C ARG B 306 -33.24 -16.87 3.92
N PRO B 307 -34.11 -17.83 3.55
CA PRO B 307 -34.31 -18.98 4.45
C PRO B 307 -33.02 -19.74 4.73
N ALA B 308 -32.84 -20.14 5.98
CA ALA B 308 -31.66 -20.88 6.39
C ALA B 308 -31.94 -21.66 7.67
N MET B 309 -31.00 -22.51 8.08
CA MET B 309 -31.13 -23.24 9.32
C MET B 309 -30.68 -22.36 10.48
N LYS B 310 -31.54 -21.43 10.86
CA LYS B 310 -31.21 -20.39 11.83
C LYS B 310 -31.44 -20.85 13.26
N SER B 311 -30.74 -20.24 14.20
CA SER B 311 -30.99 -20.48 15.62
C SER B 311 -31.60 -19.24 16.25
N ARG B 312 -31.88 -18.25 15.40
CA ARG B 312 -32.56 -17.02 15.82
C ARG B 312 -33.24 -16.41 14.59
N ASP B 313 -34.49 -16.00 14.72
CA ASP B 313 -35.15 -15.47 13.54
C ASP B 313 -34.80 -14.00 13.32
N THR B 314 -35.16 -13.49 12.15
CA THR B 314 -34.77 -12.17 11.73
C THR B 314 -36.00 -11.37 11.33
N THR B 315 -35.78 -10.14 10.85
CA THR B 315 -36.89 -9.29 10.44
CA THR B 315 -36.86 -9.26 10.43
C THR B 315 -36.97 -9.19 8.92
N ARG B 316 -38.16 -9.43 8.39
CA ARG B 316 -38.36 -9.31 6.95
C ARG B 316 -38.59 -7.85 6.57
N VAL B 317 -37.68 -7.30 5.77
CA VAL B 317 -37.83 -5.94 5.28
C VAL B 317 -38.56 -5.99 3.95
N GLY B 318 -39.63 -5.20 3.83
CA GLY B 318 -40.43 -5.19 2.63
C GLY B 318 -39.73 -4.59 1.42
N ASP B 319 -40.23 -4.91 0.23
CA ASP B 319 -39.64 -4.44 -1.00
C ASP B 319 -39.55 -2.91 -1.07
N ASP B 320 -40.53 -2.21 -0.52
CA ASP B 320 -40.52 -0.75 -0.61
C ASP B 320 -39.43 -0.09 0.22
N ASP B 321 -39.32 -0.48 1.48
CA ASP B 321 -38.26 0.03 2.32
C ASP B 321 -36.90 -0.38 1.77
N TYR B 322 -36.83 -1.57 1.17
CA TYR B 322 -35.56 -2.09 0.66
C TYR B 322 -35.11 -1.30 -0.57
N LEU B 323 -36.06 -0.97 -1.44
CA LEU B 323 -35.75 -0.14 -2.59
C LEU B 323 -35.37 1.27 -2.15
N ARG B 324 -36.00 1.76 -1.09
CA ARG B 324 -35.67 3.07 -0.56
C ARG B 324 -34.25 3.08 -0.03
N LEU B 325 -33.89 2.03 0.70
CA LEU B 325 -32.52 1.87 1.20
C LEU B 325 -31.53 1.83 0.04
N MET B 326 -31.77 0.95 -0.92
CA MET B 326 -30.91 0.87 -2.10
C MET B 326 -30.79 2.22 -2.81
N SER B 327 -31.92 2.93 -2.96
CA SER B 327 -31.95 4.19 -3.69
C SER B 327 -31.08 5.26 -3.02
N VAL B 328 -31.20 5.35 -1.70
CA VAL B 328 -30.47 6.36 -0.96
C VAL B 328 -28.96 6.06 -0.94
N VAL B 329 -28.59 4.80 -0.76
CA VAL B 329 -27.18 4.41 -0.83
C VAL B 329 -26.59 4.69 -2.21
N ALA B 330 -27.22 4.15 -3.25
CA ALA B 330 -26.79 4.37 -4.62
C ALA B 330 -26.65 5.86 -4.98
N PHE B 331 -27.61 6.68 -4.54
CA PHE B 331 -27.59 8.11 -4.85
C PHE B 331 -26.48 8.86 -4.13
N THR B 332 -26.33 8.60 -2.84
CA THR B 332 -25.34 9.34 -2.05
C THR B 332 -23.93 8.81 -2.29
N CYS B 333 -23.83 7.59 -2.81
CA CYS B 333 -22.54 6.97 -3.12
C CYS B 333 -22.46 6.55 -4.60
N PRO B 334 -22.45 7.54 -5.51
CA PRO B 334 -22.67 7.26 -6.92
C PRO B 334 -21.53 6.55 -7.63
N GLU B 335 -20.33 6.55 -7.04
CA GLU B 335 -19.21 5.83 -7.67
C GLU B 335 -19.00 4.47 -7.02
N GLN B 336 -19.90 4.09 -6.12
CA GLN B 336 -19.76 2.84 -5.40
C GLN B 336 -20.93 1.91 -5.75
N ARG B 337 -20.63 0.94 -6.60
CA ARG B 337 -21.67 0.07 -7.17
C ARG B 337 -22.37 -0.79 -6.13
N LEU B 338 -23.69 -0.76 -6.15
CA LEU B 338 -24.47 -1.70 -5.35
C LEU B 338 -24.44 -3.07 -6.02
N VAL B 339 -24.28 -4.11 -5.20
CA VAL B 339 -24.29 -5.46 -5.70
C VAL B 339 -25.67 -6.08 -5.51
N LEU B 340 -26.19 -6.69 -6.57
CA LEU B 340 -27.51 -7.32 -6.54
C LEU B 340 -27.35 -8.79 -6.87
N THR B 341 -27.94 -9.67 -6.05
CA THR B 341 -27.69 -11.11 -6.19
C THR B 341 -28.98 -11.91 -6.33
N THR B 342 -28.82 -13.20 -6.62
CA THR B 342 -29.98 -14.08 -6.79
C THR B 342 -30.58 -14.53 -5.45
N ARG B 343 -30.19 -13.86 -4.37
CA ARG B 343 -31.01 -13.86 -3.17
C ARG B 343 -32.40 -13.34 -3.53
N GLU B 344 -32.45 -12.40 -4.47
CA GLU B 344 -33.71 -11.79 -4.88
C GLU B 344 -34.29 -12.55 -6.07
N PRO B 345 -35.62 -12.68 -6.10
CA PRO B 345 -36.31 -13.31 -7.23
C PRO B 345 -36.20 -12.47 -8.50
N GLN B 346 -36.45 -13.09 -9.64
CA GLN B 346 -36.35 -12.41 -10.93
C GLN B 346 -37.17 -11.11 -10.98
N GLU B 347 -38.38 -11.16 -10.44
CA GLU B 347 -39.28 -10.00 -10.52
CA GLU B 347 -39.29 -10.01 -10.49
C GLU B 347 -38.74 -8.80 -9.74
N PHE B 348 -37.94 -9.05 -8.70
CA PHE B 348 -37.35 -7.94 -7.97
C PHE B 348 -36.09 -7.43 -8.65
N GLN B 349 -35.31 -8.32 -9.24
CA GLN B 349 -34.14 -7.93 -10.01
C GLN B 349 -34.55 -6.96 -11.11
N ASP B 350 -35.62 -7.29 -11.80
CA ASP B 350 -36.11 -6.45 -12.89
C ASP B 350 -36.40 -5.02 -12.44
N VAL B 351 -37.01 -4.85 -11.27
CA VAL B 351 -37.37 -3.51 -10.81
CA VAL B 351 -37.37 -3.51 -10.81
C VAL B 351 -36.19 -2.77 -10.16
N ALA B 352 -35.22 -3.53 -9.64
CA ALA B 352 -34.10 -2.92 -8.91
C ALA B 352 -32.80 -2.81 -9.70
N LEU B 353 -32.74 -3.42 -10.88
CA LEU B 353 -31.47 -3.52 -11.61
C LEU B 353 -30.83 -2.17 -11.88
N GLY B 354 -31.65 -1.14 -12.10
CA GLY B 354 -31.13 0.18 -12.44
C GLY B 354 -30.42 0.87 -11.30
N LEU B 355 -30.56 0.30 -10.09
CA LEU B 355 -29.89 0.81 -8.90
C LEU B 355 -28.54 0.12 -8.68
N ALA B 356 -28.32 -1.00 -9.35
CA ALA B 356 -27.12 -1.79 -9.09
C ALA B 356 -25.99 -1.46 -10.08
N GLY B 357 -24.76 -1.77 -9.68
CA GLY B 357 -23.63 -1.65 -10.57
C GLY B 357 -22.98 -3.01 -10.80
N VAL B 358 -23.36 -3.97 -9.96
CA VAL B 358 -22.89 -5.33 -10.10
C VAL B 358 -24.08 -6.29 -10.02
N ILE B 359 -24.17 -7.23 -10.96
CA ILE B 359 -25.19 -8.28 -10.91
C ILE B 359 -24.50 -9.62 -10.68
N SER B 360 -24.93 -10.35 -9.64
CA SER B 360 -24.18 -11.52 -9.20
C SER B 360 -25.09 -12.73 -8.99
N PRO B 361 -25.29 -13.52 -10.04
CA PRO B 361 -26.13 -14.72 -9.96
C PRO B 361 -25.31 -15.93 -9.51
N GLY B 362 -25.94 -16.89 -8.86
CA GLY B 362 -25.24 -18.09 -8.43
C GLY B 362 -25.93 -18.73 -7.26
N SER B 363 -25.25 -19.69 -6.65
CA SER B 363 -25.80 -20.45 -5.54
C SER B 363 -24.76 -20.58 -4.43
N PRO B 364 -25.21 -20.52 -3.17
CA PRO B 364 -24.35 -20.61 -1.99
C PRO B 364 -24.20 -22.04 -1.51
N ASP B 365 -23.96 -22.95 -2.45
CA ASP B 365 -23.76 -24.37 -2.17
C ASP B 365 -22.34 -24.70 -2.62
N VAL B 366 -21.72 -25.71 -2.04
CA VAL B 366 -20.34 -26.00 -2.38
C VAL B 366 -20.25 -26.72 -3.74
N ALA B 367 -19.45 -26.14 -4.64
CA ALA B 367 -19.27 -26.64 -6.00
C ALA B 367 -20.58 -27.07 -6.66
N PRO B 368 -21.52 -26.12 -6.85
CA PRO B 368 -22.88 -26.47 -7.25
C PRO B 368 -23.13 -26.41 -8.76
N TYR B 369 -22.17 -25.89 -9.51
CA TYR B 369 -22.38 -25.65 -10.93
C TYR B 369 -22.12 -26.89 -11.75
N ARG B 370 -22.91 -27.02 -12.82
CA ARG B 370 -22.81 -28.18 -13.69
C ARG B 370 -23.07 -27.73 -15.11
N ALA B 371 -22.33 -28.30 -16.05
CA ALA B 371 -22.58 -28.02 -17.45
C ALA B 371 -23.99 -28.45 -17.81
N GLY B 372 -24.72 -27.58 -18.49
CA GLY B 372 -26.00 -27.95 -19.06
C GLY B 372 -27.24 -27.97 -18.17
N CYS B 373 -27.14 -27.43 -16.96
CA CYS B 373 -28.33 -27.26 -16.13
C CYS B 373 -28.11 -26.27 -14.99
N GLU B 374 -29.18 -26.02 -14.24
CA GLU B 374 -29.15 -25.06 -13.13
C GLU B 374 -28.29 -25.60 -11.99
N ALA B 375 -27.69 -24.67 -11.24
CA ALA B 375 -26.82 -25.03 -10.13
C ALA B 375 -27.60 -25.69 -8.98
N ARG B 376 -26.91 -26.53 -8.23
CA ARG B 376 -27.48 -27.12 -7.04
C ARG B 376 -27.64 -26.07 -5.95
N ASN B 377 -28.68 -26.22 -5.13
CA ASN B 377 -28.87 -25.37 -3.95
C ASN B 377 -29.51 -26.24 -2.88
N ASP B 378 -28.78 -27.29 -2.48
CA ASP B 378 -29.28 -28.29 -1.55
CA ASP B 378 -29.31 -28.28 -1.55
C ASP B 378 -29.35 -27.76 -0.13
N GLU B 379 -30.51 -27.89 0.51
CA GLU B 379 -30.72 -27.42 1.87
C GLU B 379 -29.72 -28.04 2.85
N LYS B 380 -29.28 -29.26 2.58
CA LYS B 380 -28.40 -29.96 3.52
C LYS B 380 -26.94 -29.50 3.47
N SER B 381 -26.58 -28.69 2.47
CA SER B 381 -25.20 -28.24 2.33
C SER B 381 -25.05 -26.74 2.06
N SER B 382 -26.15 -26.06 1.78
CA SER B 382 -26.09 -24.65 1.39
C SER B 382 -26.10 -23.69 2.59
N GLN B 383 -25.50 -22.52 2.39
CA GLN B 383 -25.52 -21.49 3.42
C GLN B 383 -26.95 -20.95 3.62
N PHE B 384 -27.70 -20.82 2.52
CA PHE B 384 -29.09 -20.39 2.56
C PHE B 384 -29.74 -20.72 1.23
N LEU B 385 -31.04 -20.50 1.14
CA LEU B 385 -31.76 -20.83 -0.09
C LEU B 385 -32.02 -19.57 -0.91
N VAL B 386 -31.59 -19.58 -2.16
CA VAL B 386 -31.79 -18.44 -3.05
C VAL B 386 -33.19 -18.43 -3.65
N ALA B 387 -33.57 -17.31 -4.23
CA ALA B 387 -34.90 -17.13 -4.78
C ALA B 387 -34.91 -17.31 -6.30
N ASP B 388 -33.73 -17.30 -6.89
CA ASP B 388 -33.60 -17.37 -8.35
C ASP B 388 -32.52 -18.39 -8.72
N LEU B 389 -32.95 -19.53 -9.24
CA LEU B 389 -32.02 -20.62 -9.54
C LEU B 389 -31.61 -20.67 -11.01
N ARG B 390 -32.07 -19.71 -11.82
CA ARG B 390 -31.73 -19.71 -13.24
C ARG B 390 -30.21 -19.68 -13.46
N ARG B 391 -29.75 -20.34 -14.52
CA ARG B 391 -28.34 -20.29 -14.88
C ARG B 391 -27.93 -18.85 -15.15
N PRO B 392 -26.73 -18.46 -14.70
CA PRO B 392 -26.18 -17.13 -14.97
C PRO B 392 -26.27 -16.77 -16.46
N ARG B 393 -25.97 -17.69 -17.36
CA ARG B 393 -26.00 -17.36 -18.79
C ARG B 393 -27.39 -16.91 -19.25
N HIS B 394 -28.43 -17.48 -18.64
CA HIS B 394 -29.79 -17.10 -18.99
C HIS B 394 -30.20 -15.81 -18.32
N ILE B 395 -29.80 -15.65 -17.06
CA ILE B 395 -30.06 -14.42 -16.32
C ILE B 395 -29.39 -13.23 -17.02
N LEU B 396 -28.10 -13.38 -17.29
CA LEU B 396 -27.33 -12.31 -17.90
C LEU B 396 -27.69 -12.08 -19.37
N GLY B 397 -28.01 -13.17 -20.08
CA GLY B 397 -28.40 -13.08 -21.48
C GLY B 397 -29.70 -12.31 -21.62
N ARG B 398 -30.63 -12.58 -20.71
CA ARG B 398 -31.90 -11.87 -20.68
C ARG B 398 -31.67 -10.39 -20.40
N ILE B 399 -30.77 -10.09 -19.46
CA ILE B 399 -30.47 -8.70 -19.12
C ILE B 399 -29.90 -7.96 -20.33
N GLU B 400 -28.91 -8.57 -20.99
CA GLU B 400 -28.32 -7.98 -22.19
C GLU B 400 -29.34 -7.80 -23.32
N ALA B 401 -30.23 -8.77 -23.48
CA ALA B 401 -31.23 -8.70 -24.53
C ALA B 401 -32.25 -7.60 -24.27
N SER B 402 -32.44 -7.24 -23.01
CA SER B 402 -33.39 -6.19 -22.65
C SER B 402 -32.74 -4.81 -22.79
N GLY B 403 -31.44 -4.79 -23.06
CA GLY B 403 -30.77 -3.55 -23.43
C GLY B 403 -29.70 -3.03 -22.49
N THR B 404 -29.26 -3.85 -21.54
CA THR B 404 -28.17 -3.47 -20.66
C THR B 404 -27.00 -4.45 -20.80
N PRO B 405 -25.89 -4.01 -21.39
CA PRO B 405 -24.70 -4.87 -21.53
C PRO B 405 -24.13 -5.25 -20.17
N VAL B 406 -23.57 -6.45 -20.08
CA VAL B 406 -22.99 -6.91 -18.82
C VAL B 406 -21.53 -7.23 -19.02
N ASP B 407 -20.67 -6.39 -18.46
CA ASP B 407 -19.23 -6.60 -18.56
C ASP B 407 -18.87 -7.89 -17.83
N HIS B 408 -17.82 -8.55 -18.32
CA HIS B 408 -17.35 -9.84 -17.79
C HIS B 408 -18.37 -10.94 -17.98
N PHE B 409 -19.19 -10.79 -19.01
CA PHE B 409 -20.06 -11.87 -19.46
C PHE B 409 -19.96 -11.98 -20.97
N VAL B 410 -19.50 -13.14 -21.43
CA VAL B 410 -19.44 -13.45 -22.84
C VAL B 410 -20.42 -14.58 -23.11
N ASN B 411 -21.58 -14.25 -23.64
CA ASN B 411 -22.65 -15.23 -23.82
C ASN B 411 -22.17 -16.42 -24.63
N PRO B 412 -22.24 -17.63 -24.04
CA PRO B 412 -21.78 -18.87 -24.68
C PRO B 412 -22.56 -19.25 -25.94
N ALA B 413 -23.76 -18.71 -26.10
CA ALA B 413 -24.58 -19.03 -27.26
C ALA B 413 -23.98 -18.48 -28.56
N MET C . 19.87 18.02 -6.34
CA MET C . 20.70 17.58 -5.23
C MET C . 21.91 16.81 -5.72
O MET C . 21.89 16.23 -6.82
CB MET C . 19.89 16.73 -4.26
CG MET C . 19.84 15.25 -4.62
SD MET C . 19.08 14.91 -6.22
CE MET C . 17.37 15.30 -5.85
OXT MET C . 22.92 16.75 -5.04
N1 5AD D . 17.31 6.68 -10.41
C2 5AD D . 17.66 6.41 -9.13
N3 5AD D . 18.42 7.32 -8.41
C4 5AD D . 18.83 8.50 -9.01
N9 5AD D . 19.57 9.55 -8.52
C8 5AD D . 19.67 10.47 -9.51
N7 5AD D . 19.00 10.01 -10.59
C5 5AD D . 18.48 8.78 -10.27
C6 5AD D . 17.70 7.85 -10.99
N6 5AD D . 17.19 7.90 -12.37
C1' 5AD D . 20.14 9.67 -7.24
C2' 5AD D . 21.18 10.48 -7.22
C3' 5AD D . 20.75 11.67 -6.32
C4' 5AD D . 19.77 10.93 -5.32
C5' 5AD D . 18.91 11.87 -4.55
O4' 5AD D . 19.05 10.23 -6.15
O2' 5AD D . 22.34 9.76 -6.58
O3' 5AD D . 21.80 12.20 -5.70
N SAH E . 19.78 17.76 -6.25
CA SAH E . 20.43 17.01 -5.18
CB SAH E . 19.55 15.84 -4.75
CG SAH E . 19.40 14.75 -5.80
SD SAH E . 18.16 13.50 -5.39
C SAH E . 21.81 16.51 -5.63
O SAH E . 22.00 16.13 -6.79
OXT SAH E . 22.74 16.47 -4.84
C5' SAH E . 19.38 12.50 -4.52
C4' SAH E . 19.99 11.33 -5.31
O4' SAH E . 19.10 10.68 -6.20
C3' SAH E . 21.17 11.73 -6.18
O3' SAH E . 22.36 11.82 -5.43
C2' SAH E . 21.24 10.61 -7.19
O2' SAH E . 22.26 9.71 -6.84
C1' SAH E . 19.89 9.90 -7.07
N9 SAH E . 19.32 9.73 -8.42
C8 SAH E . 19.35 10.64 -9.44
N7 SAH E . 18.73 10.11 -10.51
C5 SAH E . 18.32 8.86 -10.21
C6 SAH E . 17.65 7.89 -10.94
N6 SAH E . 17.29 8.10 -12.20
N1 SAH E . 17.36 6.68 -10.35
C2 SAH E . 17.73 6.44 -9.03
N3 SAH E . 18.40 7.42 -8.32
C4 SAH E . 18.68 8.60 -8.89
FE1 SF4 F . 19.38 18.38 -10.18
FE2 SF4 F . 18.76 15.74 -10.41
FE3 SF4 F . 21.29 16.54 -10.74
FE4 SF4 F . 20.14 16.60 -8.16
S1 SF4 F . 20.62 14.77 -9.45
S2 SF4 F . 21.44 18.19 -9.16
S3 SF4 F . 18.00 17.18 -8.80
S4 SF4 F . 19.51 17.12 -12.08
N TRP G . 17.08 9.67 -2.87
CA TRP G . 17.38 10.07 -1.50
C TRP G . 18.29 9.04 -0.82
O TRP G . 18.46 7.92 -1.31
CB TRP G . 16.09 10.24 -0.72
CG TRP G . 15.34 8.96 -0.48
CD1 TRP G . 15.38 8.18 0.64
CD2 TRP G . 14.46 8.30 -1.39
NE1 TRP G . 14.57 7.09 0.48
CE2 TRP G . 13.99 7.14 -0.76
CE3 TRP G . 14.00 8.59 -2.69
CZ2 TRP G . 13.09 6.26 -1.36
CZ3 TRP G . 13.12 7.72 -3.29
CH2 TRP G . 12.67 6.56 -2.63
OXT TRP G . 18.86 9.32 0.23
C1 GOL H . 23.12 7.89 13.15
O1 GOL H . 23.59 6.66 13.63
C2 GOL H . 23.46 8.01 11.67
O2 GOL H . 23.19 6.76 11.04
C3 GOL H . 22.59 9.07 11.03
O3 GOL H . 23.16 9.46 9.81
BR BR I . 16.80 2.17 -15.21
BR BR J . 11.80 6.85 18.13
BR BR K . 17.73 -3.61 17.45
NA NA L . 10.25 0.90 16.32
N MET M . -17.75 -16.83 6.64
CA MET M . -17.19 -15.58 6.14
C MET M . -17.80 -14.38 6.88
O MET M . -18.84 -14.52 7.51
CB MET M . -17.44 -15.44 4.64
CG MET M . -18.84 -14.98 4.28
SD MET M . -20.17 -16.09 4.81
CE MET M . -19.86 -17.51 3.77
OXT MET M . -17.26 -13.27 6.85
N1 5AD N . -29.61 -15.17 4.14
C2 5AD N . -29.11 -14.25 3.28
N3 5AD N . -27.81 -13.81 3.44
C4 5AD N . -27.03 -14.30 4.48
N9 5AD N . -25.74 -14.03 4.85
C8 5AD N . -25.46 -14.77 5.95
N7 5AD N . -26.56 -15.51 6.26
C5 5AD N . -27.54 -15.20 5.34
C6 5AD N . -28.86 -15.65 5.16
N6 5AD N . -29.66 -16.62 5.94
C1' 5AD N . -24.86 -13.13 4.24
C2' 5AD N . -24.01 -12.59 5.09
C3' 5AD N . -22.61 -13.13 4.66
C4' 5AD N . -22.83 -13.30 3.11
C5' 5AD N . -21.79 -14.19 2.47
O4' 5AD N . -23.99 -13.88 3.07
O2' 5AD N . -24.03 -11.08 4.95
O3' 5AD N . -21.66 -12.23 4.93
N SAH O . -17.54 -16.68 6.36
CA SAH O . -17.58 -15.44 5.58
CB SAH O . -18.49 -15.59 4.37
CG SAH O . -19.97 -15.62 4.73
SD SAH O . -21.05 -15.79 3.29
C SAH O . -18.06 -14.28 6.44
O SAH O . -18.74 -14.48 7.44
OXT SAH O . -17.77 -13.12 6.16
C5' SAH O . -21.24 -14.07 2.77
C4' SAH O . -22.45 -13.32 3.35
O4' SAH O . -23.67 -14.04 3.30
C3' SAH O . -22.29 -12.95 4.82
O3' SAH O . -21.53 -11.79 4.96
C2' SAH O . -23.73 -12.72 5.24
O2' SAH O . -23.99 -11.33 5.26
C1' SAH O . -24.57 -13.37 4.15
N9 SAH O . -25.56 -14.27 4.77
C8 SAH O . -25.36 -15.06 5.87
N7 SAH O . -26.51 -15.73 6.15
C5 SAH O . -27.45 -15.35 5.25
C6 SAH O . -28.77 -15.71 5.08
N6 SAH O . -29.35 -16.59 5.90
N1 SAH O . -29.51 -15.15 4.06
C2 SAH O . -28.91 -14.24 3.20
N3 SAH O . -27.60 -13.88 3.38
C4 SAH O . -26.87 -14.43 4.38
FE1 SF4 P . -19.56 -18.86 9.30
FE2 SF4 P . -21.93 -18.18 8.24
FE3 SF4 P . -20.87 -16.61 10.10
FE4 SF4 P . -19.66 -16.60 7.62
S1 SF4 P . -21.78 -15.89 8.12
S2 SF4 P . -18.61 -16.81 9.69
S3 SF4 P . -20.07 -18.79 7.06
S4 SF4 P . -21.57 -18.78 10.41
N TRP Q . -23.07 -13.92 -0.59
CA TRP Q . -21.93 -13.35 -1.29
C TRP Q . -22.17 -11.91 -1.71
O TRP Q . -23.27 -11.38 -1.57
CB TRP Q . -21.59 -14.17 -2.53
CG TRP Q . -22.65 -14.12 -3.58
CD1 TRP Q . -22.67 -13.33 -4.69
CD2 TRP Q . -23.84 -14.92 -3.62
NE1 TRP Q . -23.80 -13.58 -5.43
CE2 TRP Q . -24.54 -14.55 -4.80
CE3 TRP Q . -24.39 -15.91 -2.80
CZ2 TRP Q . -25.74 -15.14 -5.16
CZ3 TRP Q . -25.59 -16.50 -3.17
CH2 TRP Q . -26.26 -16.10 -4.34
OXT TRP Q . -21.27 -11.24 -2.24
C1 GOL R . -14.64 -2.63 -10.24
O1 GOL R . -15.17 -1.42 -10.75
C2 GOL R . -15.25 -2.93 -8.88
O2 GOL R . -16.67 -2.92 -8.95
C3 GOL R . -14.76 -4.30 -8.42
O3 GOL R . -14.98 -4.41 -7.03
C1 GOL S . -21.50 -23.79 -23.42
O1 GOL S . -22.69 -24.54 -23.44
C2 GOL S . -20.54 -24.38 -24.45
O2 GOL S . -20.15 -23.37 -25.34
C3 GOL S . -19.31 -24.94 -23.74
O3 GOL S . -18.49 -25.59 -24.68
C1 GOL T . -32.50 -8.68 16.23
O1 GOL T . -33.67 -9.39 16.56
C2 GOL T . -32.52 -7.30 16.88
O2 GOL T . -31.20 -6.88 17.11
C3 GOL T . -33.23 -6.32 15.96
O3 GOL T . -32.79 -5.01 16.20
BR BR U . -22.48 -0.12 -20.66
BR BR V . -15.23 -9.74 -20.49
BR BR W . -9.52 -21.15 -20.05
NA NA X . -21.13 -8.83 -22.31
ZN ZN Y . -11.04 -23.84 -20.17
BR BR Z . -35.92 -15.42 5.45
#